data_4PJK
#
_entry.id   4PJK
#
_cell.length_a   87.100
_cell.length_b   150.150
_cell.length_c   154.040
_cell.angle_alpha   90.00
_cell.angle_beta   90.00
_cell.angle_gamma   90.00
#
_symmetry.space_group_name_H-M   'C 2 2 21'
#
loop_
_entity.id
_entity.type
_entity.pdbx_description
1 polymer 'Myosin-2 heavy chain'
2 non-polymer 'MAGNESIUM ION'
3 non-polymer "ADENOSINE-5'-DIPHOSPHATE"
4 non-polymer 'PHOSPHATE ION'
5 non-polymer GLYCEROL
6 water water
#
_entity_poly.entity_id   1
_entity_poly.type   'polypeptide(L)'
_entity_poly.pdbx_seq_one_letter_code
;MNPIHDRTSDYHKYLKVKQGDSDLFKLTVSDKRYIWYNPDPKERDSYECGEIVSETSDSFTFKTVDGQDRQVKKDDANQR
NPIKFDGVEDMSELSYLNEPAVFHNLRVRYNQDLIYTYSGLFLVAVNPFKRIPIYTQEMVDIFKGRRRNEVAPHIFAISD
VAYRSMLDDRQNQSLLITGESGAGKTENTKKVIQYLASVAGRNQANGSGVLEQQILQANPILEAFGNAKTTRNNNSSEFG
KFIEIQFNSAGFISGASIQSYLLEKSRVVFQSETERNYHIFYQLLAGATAEEKKALHLAGPESFNYLNQSGCVDIKGVSD
SEEFKITRQAMDIVGFSQEEQMSIFKIIAGILHLGNIKFEKGAGEGAVLKDKTALNAASTVFGVNPSVLEKALMEPRILA
GRDLVAQHLNVEKSSSSRDALVKALYGRLFLWLVKKINNVLCQERKAYFIGVLDISGFRIFKVNSFEQLCINYTNEKLQQ
FFNHHMFKLEQEEYLKEKINWTFIDFGLDSQATIDLIDGRQPPGILALLDEQSVFPNATDNTLITKLHSHFSKKNAKYEE
PRFSKTEFGVTHYAGQVMYEIQDWLEKNKDPLQQDLELCFKDSSDNVVTKLFNDPNIASRAKKGANFITVAAQYKEQLAS
LMATLETTNPHFVRCIIPNNKQLPAKLEDKVVLDQLRCNGVLEGIRITRKGFPNRIIYADFVKRYYLLAPNVPRDAEDSQ
KATDAVLKHLNIDPEQYRFGITKIFFRAGQLARIEEAREQRDYKDDDDK
;
_entity_poly.pdbx_strand_id   A
#
loop_
_chem_comp.id
_chem_comp.type
_chem_comp.name
_chem_comp.formula
ADP non-polymer ADENOSINE-5'-DIPHOSPHATE 'C10 H15 N5 O10 P2'
GOL non-polymer GLYCEROL 'C3 H8 O3'
MG non-polymer 'MAGNESIUM ION' 'Mg 2'
PO4 non-polymer 'PHOSPHATE ION' 'O4 P -3'
#
# COMPACT_ATOMS: atom_id res chain seq x y z
N MET A 1 19.06 -6.86 -35.29
CA MET A 1 19.61 -5.66 -34.68
C MET A 1 19.13 -5.49 -33.21
N ASN A 2 20.08 -5.16 -32.30
CA ASN A 2 19.82 -4.94 -30.86
C ASN A 2 18.78 -3.80 -30.63
N PRO A 3 17.59 -4.12 -30.06
CA PRO A 3 16.58 -3.06 -29.83
C PRO A 3 17.03 -1.89 -28.96
N ILE A 4 18.03 -2.10 -28.10
CA ILE A 4 18.62 -1.09 -27.21
C ILE A 4 19.36 0.00 -28.03
N HIS A 5 19.87 -0.37 -29.22
CA HIS A 5 20.61 0.53 -30.10
C HIS A 5 19.84 0.87 -31.37
N ASP A 6 18.68 0.25 -31.56
CA ASP A 6 17.85 0.48 -32.73
C ASP A 6 16.93 1.67 -32.46
N ARG A 7 17.15 2.80 -33.15
CA ARG A 7 16.33 4.00 -32.96
C ARG A 7 14.87 3.83 -33.38
N THR A 8 14.57 2.79 -34.19
CA THR A 8 13.21 2.47 -34.67
C THR A 8 12.44 1.51 -33.74
N SER A 9 13.13 0.85 -32.79
CA SER A 9 12.51 -0.09 -31.86
C SER A 9 11.50 0.60 -30.92
N ASP A 10 10.49 -0.17 -30.43
CA ASP A 10 9.51 0.31 -29.44
C ASP A 10 10.23 0.64 -28.14
N TYR A 11 11.36 -0.06 -27.87
CA TYR A 11 12.22 0.19 -26.71
C TYR A 11 12.68 1.65 -26.78
N HIS A 12 13.30 2.05 -27.88
N HIS A 12 13.32 2.07 -27.89
CA HIS A 12 13.80 3.41 -28.07
CA HIS A 12 13.79 3.44 -28.02
C HIS A 12 12.69 4.45 -28.07
C HIS A 12 12.64 4.43 -27.97
N LYS A 13 11.56 4.16 -28.74
CA LYS A 13 10.39 5.04 -28.84
C LYS A 13 9.74 5.29 -27.50
N TYR A 14 9.53 4.25 -26.68
CA TYR A 14 8.79 4.42 -25.44
C TYR A 14 9.63 4.51 -24.16
N LEU A 15 10.93 4.16 -24.21
CA LEU A 15 11.71 4.16 -22.96
C LEU A 15 12.90 5.10 -22.95
N LYS A 16 13.21 5.71 -24.10
CA LYS A 16 14.34 6.62 -24.24
C LYS A 16 13.90 8.05 -24.52
N VAL A 17 14.74 9.04 -24.12
CA VAL A 17 14.49 10.45 -24.36
C VAL A 17 14.66 10.70 -25.87
N LYS A 18 13.68 11.36 -26.51
CA LYS A 18 13.73 11.70 -27.94
C LYS A 18 14.95 12.57 -28.27
N GLN A 19 15.50 12.36 -29.46
CA GLN A 19 16.62 13.11 -30.02
C GLN A 19 16.22 14.59 -30.12
N GLY A 20 17.01 15.45 -29.46
CA GLY A 20 16.78 16.89 -29.48
C GLY A 20 17.14 17.46 -30.84
N ASP A 21 16.51 18.61 -31.22
CA ASP A 21 16.76 19.20 -32.54
C ASP A 21 17.90 20.21 -32.54
N SER A 22 18.33 20.67 -33.74
CA SER A 22 19.41 21.64 -33.91
C SER A 22 19.18 22.91 -33.09
N ASP A 23 17.91 23.33 -32.88
CA ASP A 23 17.57 24.48 -32.05
C ASP A 23 17.88 24.19 -30.57
N LEU A 24 17.60 22.96 -30.13
CA LEU A 24 17.87 22.57 -28.75
C LEU A 24 19.37 22.48 -28.55
N PHE A 25 20.09 21.96 -29.57
CA PHE A 25 21.55 21.86 -29.55
C PHE A 25 22.18 23.22 -29.26
N LYS A 26 21.70 24.25 -29.95
CA LYS A 26 22.19 25.63 -29.79
C LYS A 26 22.00 26.11 -28.35
N LEU A 27 20.85 25.79 -27.73
CA LEU A 27 20.59 26.15 -26.33
C LEU A 27 21.50 25.39 -25.38
N THR A 28 21.80 24.13 -25.70
CA THR A 28 22.56 23.19 -24.89
C THR A 28 24.03 23.62 -24.77
N VAL A 29 24.59 24.19 -25.83
CA VAL A 29 25.98 24.64 -25.86
C VAL A 29 26.15 26.05 -25.27
N SER A 30 25.05 26.73 -24.95
CA SER A 30 25.10 28.08 -24.37
C SER A 30 25.79 28.02 -22.99
N ASP A 31 26.61 29.03 -22.71
CA ASP A 31 27.33 29.14 -21.44
C ASP A 31 26.49 29.85 -20.35
N LYS A 32 25.25 30.27 -20.68
CA LYS A 32 24.35 30.97 -19.78
C LYS A 32 23.97 30.13 -18.56
N ARG A 33 23.83 30.78 -17.39
CA ARG A 33 23.47 30.11 -16.13
C ARG A 33 22.11 30.60 -15.65
N TYR A 34 21.32 29.66 -15.12
CA TYR A 34 19.95 29.89 -14.68
C TYR A 34 19.69 29.45 -13.24
N ILE A 35 18.64 30.00 -12.67
CA ILE A 35 18.20 29.74 -11.30
C ILE A 35 16.72 29.42 -11.28
N TRP A 36 16.32 28.53 -10.37
CA TRP A 36 14.91 28.24 -10.13
C TRP A 36 14.50 29.15 -8.96
N TYR A 37 13.47 29.97 -9.18
CA TYR A 37 13.01 30.88 -8.13
C TYR A 37 11.48 30.87 -7.97
N ASN A 38 10.99 31.29 -6.80
CA ASN A 38 9.56 31.42 -6.56
C ASN A 38 9.10 32.86 -6.86
N PRO A 39 8.31 33.10 -7.96
CA PRO A 39 7.81 34.47 -8.20
C PRO A 39 7.00 35.00 -7.02
N ASP A 40 6.26 34.11 -6.39
CA ASP A 40 5.48 34.40 -5.20
C ASP A 40 5.99 33.59 -4.05
N PRO A 41 6.58 34.34 -3.01
CA PRO A 41 7.18 33.51 -1.97
C PRO A 41 6.15 32.87 -1.09
N LYS A 42 4.89 33.16 -1.31
CA LYS A 42 3.86 32.50 -0.54
C LYS A 42 3.49 31.19 -1.18
N GLU A 43 4.06 30.91 -2.34
CA GLU A 43 3.88 29.64 -2.98
C GLU A 43 5.22 28.97 -3.25
N ARG A 44 5.74 28.32 -2.24
CA ARG A 44 7.03 27.68 -2.30
C ARG A 44 7.25 26.67 -3.41
N ASP A 45 6.20 25.97 -3.80
CA ASP A 45 6.32 24.91 -4.82
C ASP A 45 6.10 25.40 -6.25
N SER A 46 5.83 26.70 -6.44
CA SER A 46 5.67 27.25 -7.78
C SER A 46 6.96 27.98 -8.17
N TYR A 47 7.68 27.43 -9.19
CA TYR A 47 8.95 27.97 -9.65
C TYR A 47 8.94 28.44 -11.06
N GLU A 48 9.84 29.40 -11.33
CA GLU A 48 10.12 29.90 -12.65
C GLU A 48 11.64 29.83 -12.85
N CYS A 49 12.06 29.98 -14.09
CA CYS A 49 13.47 29.94 -14.46
C CYS A 49 13.95 31.36 -14.74
N GLY A 50 14.96 31.82 -14.00
CA GLY A 50 15.57 33.12 -14.18
C GLY A 50 17.05 33.06 -14.54
N GLU A 51 17.50 33.92 -15.44
CA GLU A 51 18.91 33.96 -15.88
C GLU A 51 19.79 34.74 -14.89
N ILE A 52 20.95 34.15 -14.47
CA ILE A 52 21.94 34.82 -13.61
C ILE A 52 22.62 35.91 -14.45
N VAL A 53 22.59 37.19 -13.99
CA VAL A 53 23.18 38.32 -14.73
C VAL A 53 24.46 38.83 -14.08
N SER A 54 24.61 38.63 -12.75
CA SER A 54 25.79 39.04 -12.01
C SER A 54 25.92 38.26 -10.74
N GLU A 55 27.07 38.40 -10.07
CA GLU A 55 27.31 37.73 -8.80
C GLU A 55 28.31 38.50 -7.97
N THR A 56 28.20 38.33 -6.64
CA THR A 56 29.15 38.85 -5.65
C THR A 56 29.74 37.56 -5.04
N SER A 57 30.62 37.69 -4.03
CA SER A 57 31.25 36.56 -3.33
C SER A 57 30.22 35.61 -2.67
N ASP A 58 29.08 36.15 -2.22
CA ASP A 58 28.07 35.35 -1.53
C ASP A 58 26.66 35.43 -2.14
N SER A 59 26.52 36.09 -3.30
CA SER A 59 25.19 36.26 -3.89
C SER A 59 25.12 36.16 -5.40
N PHE A 60 23.90 35.89 -5.90
CA PHE A 60 23.57 35.87 -7.32
C PHE A 60 22.50 36.92 -7.58
N THR A 61 22.54 37.54 -8.76
CA THR A 61 21.53 38.49 -9.22
C THR A 61 20.92 37.87 -10.48
N PHE A 62 19.59 37.74 -10.50
CA PHE A 62 18.94 37.14 -11.67
C PHE A 62 17.76 37.96 -12.19
N LYS A 63 17.49 37.84 -13.50
CA LYS A 63 16.35 38.48 -14.15
C LYS A 63 15.14 37.55 -14.07
N THR A 64 13.99 38.07 -13.62
CA THR A 64 12.74 37.33 -13.50
C THR A 64 12.05 37.32 -14.87
N VAL A 65 11.10 36.38 -15.09
CA VAL A 65 10.29 36.24 -16.33
C VAL A 65 9.64 37.61 -16.67
N ASP A 66 9.16 38.33 -15.62
CA ASP A 66 8.58 39.67 -15.63
C ASP A 66 9.57 40.75 -16.16
N GLY A 67 10.87 40.54 -15.92
CA GLY A 67 11.94 41.44 -16.34
C GLY A 67 12.77 42.03 -15.20
N GLN A 68 12.16 42.17 -14.00
CA GLN A 68 12.79 42.71 -12.79
C GLN A 68 13.96 41.82 -12.30
N ASP A 69 14.98 42.45 -11.68
CA ASP A 69 16.13 41.74 -11.13
C ASP A 69 15.94 41.43 -9.65
N ARG A 70 16.36 40.25 -9.22
CA ARG A 70 16.29 39.81 -7.83
C ARG A 70 17.64 39.29 -7.40
N GLN A 71 17.91 39.36 -6.10
CA GLN A 71 19.15 38.91 -5.52
C GLN A 71 18.86 37.76 -4.57
N VAL A 72 19.71 36.74 -4.59
CA VAL A 72 19.60 35.55 -3.76
C VAL A 72 20.99 35.19 -3.22
N LYS A 73 21.05 34.82 -1.94
CA LYS A 73 22.32 34.39 -1.35
C LYS A 73 22.68 33.05 -1.98
N LYS A 74 23.95 32.83 -2.34
CA LYS A 74 24.43 31.60 -2.96
C LYS A 74 24.04 30.33 -2.16
N ASP A 75 24.00 30.46 -0.81
CA ASP A 75 23.60 29.39 0.11
C ASP A 75 22.11 29.08 0.00
N ASP A 76 21.29 30.07 -0.38
CA ASP A 76 19.85 29.90 -0.54
C ASP A 76 19.44 29.58 -2.00
N ALA A 77 20.36 29.75 -2.97
CA ALA A 77 20.08 29.54 -4.38
C ALA A 77 19.76 28.09 -4.79
N ASN A 78 18.74 27.91 -5.62
CA ASN A 78 18.40 26.63 -6.26
C ASN A 78 18.78 26.79 -7.74
N GLN A 79 20.06 26.54 -8.05
CA GLN A 79 20.56 26.64 -9.42
C GLN A 79 19.92 25.62 -10.34
N ARG A 80 19.71 26.01 -11.60
CA ARG A 80 19.14 25.12 -12.60
C ARG A 80 20.30 24.35 -13.24
N ASN A 81 20.15 23.03 -13.36
CA ASN A 81 21.15 22.19 -14.03
C ASN A 81 21.35 22.59 -15.49
N PRO A 82 22.59 22.49 -16.03
CA PRO A 82 22.77 22.68 -17.49
C PRO A 82 21.74 21.77 -18.18
N ILE A 83 21.09 22.27 -19.25
CA ILE A 83 19.98 21.59 -19.90
C ILE A 83 20.37 20.26 -20.55
N LYS A 84 21.67 19.97 -20.67
CA LYS A 84 22.13 18.67 -21.16
C LYS A 84 21.70 17.54 -20.17
N PHE A 85 21.39 17.91 -18.89
CA PHE A 85 20.96 16.99 -17.84
C PHE A 85 19.45 16.73 -17.86
N ASP A 86 18.68 17.48 -18.69
CA ASP A 86 17.23 17.33 -18.74
C ASP A 86 16.84 15.97 -19.32
N GLY A 87 16.18 15.15 -18.51
CA GLY A 87 15.75 13.82 -18.92
C GLY A 87 16.68 12.71 -18.48
N VAL A 88 17.74 13.07 -17.73
CA VAL A 88 18.73 12.13 -17.22
C VAL A 88 18.03 10.98 -16.49
N GLU A 89 18.47 9.75 -16.78
CA GLU A 89 17.85 8.54 -16.25
C GLU A 89 18.10 8.32 -14.74
N ASP A 90 19.23 8.78 -14.19
CA ASP A 90 19.55 8.66 -12.76
C ASP A 90 19.84 10.05 -12.22
N MET A 91 18.95 10.59 -11.35
CA MET A 91 19.09 11.95 -10.84
C MET A 91 20.30 12.15 -9.90
N SER A 92 20.99 11.06 -9.50
CA SER A 92 22.22 11.20 -8.70
C SER A 92 23.39 11.82 -9.56
N GLU A 93 23.22 11.85 -10.90
CA GLU A 93 24.17 12.42 -11.84
C GLU A 93 24.02 13.94 -11.99
N LEU A 94 22.90 14.54 -11.49
CA LEU A 94 22.62 15.97 -11.62
C LEU A 94 23.71 16.80 -10.94
N SER A 95 24.07 17.99 -11.49
CA SER A 95 25.07 18.83 -10.82
C SER A 95 24.48 19.47 -9.58
N TYR A 96 23.26 20.00 -9.70
CA TYR A 96 22.54 20.66 -8.61
C TYR A 96 21.41 19.82 -8.17
N LEU A 97 21.46 19.43 -6.88
CA LEU A 97 20.46 18.60 -6.24
C LEU A 97 19.63 19.49 -5.36
N ASN A 98 18.44 19.80 -5.83
CA ASN A 98 17.49 20.65 -5.11
C ASN A 98 16.09 20.30 -5.59
N GLU A 99 15.08 20.77 -4.85
CA GLU A 99 13.66 20.47 -5.09
C GLU A 99 13.18 20.85 -6.51
N PRO A 100 13.25 22.10 -6.99
CA PRO A 100 12.82 22.37 -8.37
C PRO A 100 13.64 21.62 -9.42
N ALA A 101 14.95 21.36 -9.18
CA ALA A 101 15.80 20.64 -10.14
C ALA A 101 15.33 19.19 -10.27
N VAL A 102 14.99 18.56 -9.14
CA VAL A 102 14.50 17.18 -9.16
C VAL A 102 13.14 17.13 -9.86
N PHE A 103 12.23 18.05 -9.49
CA PHE A 103 10.91 18.11 -10.09
C PHE A 103 10.97 18.34 -11.59
N HIS A 104 11.81 19.30 -12.03
CA HIS A 104 11.98 19.62 -13.45
C HIS A 104 12.45 18.39 -14.26
N ASN A 105 13.44 17.61 -13.73
CA ASN A 105 13.90 16.39 -14.40
C ASN A 105 12.76 15.40 -14.58
N LEU A 106 11.98 15.18 -13.51
CA LEU A 106 10.82 14.28 -13.53
C LEU A 106 9.76 14.78 -14.55
N ARG A 107 9.54 16.11 -14.62
CA ARG A 107 8.62 16.74 -15.57
C ARG A 107 9.04 16.52 -17.03
N VAL A 108 10.32 16.76 -17.37
CA VAL A 108 10.84 16.56 -18.74
C VAL A 108 10.56 15.13 -19.17
N ARG A 109 10.88 14.16 -18.26
CA ARG A 109 10.65 12.75 -18.51
C ARG A 109 9.16 12.43 -18.67
N TYR A 110 8.32 12.95 -17.76
CA TYR A 110 6.88 12.70 -17.76
C TYR A 110 6.17 13.25 -19.00
N ASN A 111 6.63 14.43 -19.50
CA ASN A 111 6.07 15.04 -20.71
C ASN A 111 6.30 14.15 -21.92
N GLN A 112 7.24 13.20 -21.82
CA GLN A 112 7.55 12.27 -22.91
C GLN A 112 7.06 10.87 -22.59
N ASP A 113 6.19 10.73 -21.58
CA ASP A 113 5.65 9.46 -21.09
C ASP A 113 6.75 8.54 -20.55
N LEU A 114 7.81 9.14 -19.97
CA LEU A 114 8.88 8.39 -19.33
C LEU A 114 8.56 8.50 -17.84
N ILE A 115 7.82 7.51 -17.37
CA ILE A 115 7.29 7.43 -16.02
C ILE A 115 8.30 6.96 -14.98
N TYR A 116 9.36 6.24 -15.42
CA TYR A 116 10.39 5.70 -14.55
C TYR A 116 11.66 6.51 -14.54
N THR A 117 12.18 6.82 -13.35
CA THR A 117 13.45 7.54 -13.17
C THR A 117 14.17 7.02 -11.93
N TYR A 118 15.51 6.90 -11.97
CA TYR A 118 16.22 6.51 -10.75
C TYR A 118 16.60 7.72 -9.94
N SER A 119 16.59 7.57 -8.61
CA SER A 119 17.00 8.56 -7.62
C SER A 119 18.08 7.86 -6.82
N GLY A 120 19.22 7.66 -7.45
CA GLY A 120 20.30 6.87 -6.88
C GLY A 120 19.91 5.42 -6.88
N LEU A 121 19.92 4.82 -5.71
CA LEU A 121 19.61 3.41 -5.48
C LEU A 121 18.14 3.02 -5.67
N PHE A 122 17.19 3.96 -5.58
CA PHE A 122 15.81 3.54 -5.73
C PHE A 122 15.10 4.06 -6.99
N LEU A 123 13.94 3.47 -7.31
CA LEU A 123 13.18 3.82 -8.49
C LEU A 123 12.00 4.73 -8.14
N VAL A 124 11.77 5.75 -8.98
CA VAL A 124 10.62 6.66 -8.86
C VAL A 124 9.73 6.30 -10.05
N ALA A 125 8.43 6.10 -9.80
CA ALA A 125 7.42 5.79 -10.81
C ALA A 125 6.26 6.81 -10.66
N VAL A 126 6.10 7.67 -11.63
CA VAL A 126 5.03 8.70 -11.63
C VAL A 126 3.88 8.11 -12.43
N ASN A 127 2.68 8.01 -11.83
CA ASN A 127 1.52 7.42 -12.50
C ASN A 127 1.16 8.15 -13.80
N PRO A 128 1.10 7.46 -14.96
CA PRO A 128 0.75 8.16 -16.21
C PRO A 128 -0.75 8.37 -16.37
N PHE A 129 -1.60 7.61 -15.63
CA PHE A 129 -3.06 7.62 -15.76
C PHE A 129 -3.53 7.39 -17.22
N LYS A 130 -2.79 6.53 -17.96
CA LYS A 130 -3.02 6.11 -19.35
C LYS A 130 -2.10 4.93 -19.66
N ARG A 131 -2.44 4.14 -20.67
CA ARG A 131 -1.65 2.97 -21.10
C ARG A 131 -0.37 3.37 -21.85
N ILE A 132 0.77 2.72 -21.53
CA ILE A 132 2.06 2.94 -22.22
C ILE A 132 2.56 1.55 -22.62
N PRO A 133 2.84 1.28 -23.92
CA PRO A 133 3.16 -0.08 -24.34
C PRO A 133 4.57 -0.56 -23.96
N ILE A 134 4.89 -0.57 -22.66
CA ILE A 134 6.23 -0.92 -22.15
C ILE A 134 6.23 -2.18 -21.29
N TYR A 135 5.16 -2.99 -21.33
CA TYR A 135 5.07 -4.19 -20.49
C TYR A 135 4.83 -5.49 -21.29
N THR A 136 5.17 -5.48 -22.57
CA THR A 136 5.00 -6.64 -23.46
C THR A 136 6.06 -7.70 -23.13
N GLN A 137 5.90 -8.92 -23.68
CA GLN A 137 6.88 -9.98 -23.53
C GLN A 137 8.17 -9.54 -24.22
N GLU A 138 8.03 -8.77 -25.29
CA GLU A 138 9.13 -8.22 -26.08
C GLU A 138 10.00 -7.33 -25.17
N MET A 139 9.37 -6.45 -24.38
CA MET A 139 10.05 -5.61 -23.37
C MET A 139 10.71 -6.48 -22.25
N VAL A 140 9.99 -7.49 -21.74
CA VAL A 140 10.50 -8.43 -20.73
C VAL A 140 11.84 -9.03 -21.21
N ASP A 141 11.87 -9.54 -22.46
CA ASP A 141 13.03 -10.17 -23.12
C ASP A 141 14.24 -9.24 -23.22
N ILE A 142 14.01 -7.94 -23.43
CA ILE A 142 15.06 -6.94 -23.51
C ILE A 142 15.70 -6.73 -22.15
N PHE A 143 14.89 -6.75 -21.07
CA PHE A 143 15.43 -6.48 -19.75
C PHE A 143 16.16 -7.68 -19.13
N LYS A 144 15.84 -8.91 -19.59
CA LYS A 144 16.40 -10.18 -19.09
C LYS A 144 17.93 -10.18 -18.96
N GLY A 145 18.38 -10.20 -17.70
CA GLY A 145 19.79 -10.23 -17.33
C GLY A 145 20.63 -9.00 -17.63
N ARG A 146 20.02 -7.83 -17.93
CA ARG A 146 20.81 -6.62 -18.19
C ARG A 146 21.15 -5.89 -16.90
N ARG A 147 22.31 -5.25 -16.85
CA ARG A 147 22.71 -4.46 -15.68
C ARG A 147 21.93 -3.15 -15.68
N ARG A 148 21.60 -2.61 -14.51
CA ARG A 148 20.82 -1.37 -14.37
C ARG A 148 21.28 -0.23 -15.27
N ASN A 149 22.59 -0.05 -15.38
CA ASN A 149 23.27 0.99 -16.16
C ASN A 149 23.24 0.71 -17.68
N GLU A 150 22.91 -0.53 -18.09
CA GLU A 150 22.86 -0.94 -19.50
C GLU A 150 21.52 -0.66 -20.17
N VAL A 151 20.45 -0.46 -19.39
CA VAL A 151 19.11 -0.26 -19.91
C VAL A 151 18.45 0.96 -19.29
N ALA A 152 17.37 1.44 -19.92
CA ALA A 152 16.57 2.57 -19.44
C ALA A 152 15.92 2.23 -18.07
N PRO A 153 15.52 3.24 -17.22
CA PRO A 153 14.79 2.89 -15.97
C PRO A 153 13.46 2.20 -16.28
N HIS A 154 13.13 1.20 -15.48
CA HIS A 154 11.90 0.43 -15.66
C HIS A 154 11.68 -0.40 -14.41
N ILE A 155 10.41 -0.73 -14.12
CA ILE A 155 10.07 -1.65 -13.02
C ILE A 155 10.74 -3.06 -13.29
N PHE A 156 10.90 -3.45 -14.57
CA PHE A 156 11.52 -4.71 -14.99
C PHE A 156 13.00 -4.74 -14.63
N ALA A 157 13.70 -3.59 -14.75
CA ALA A 157 15.14 -3.54 -14.46
C ALA A 157 15.44 -3.69 -12.94
N ILE A 158 14.63 -3.04 -12.07
CA ILE A 158 14.83 -3.15 -10.63
C ILE A 158 14.50 -4.60 -10.17
N SER A 159 13.56 -5.25 -10.85
CA SER A 159 13.16 -6.64 -10.61
C SER A 159 14.31 -7.59 -11.03
N ASP A 160 14.96 -7.30 -12.18
CA ASP A 160 16.07 -8.13 -12.64
C ASP A 160 17.25 -8.00 -11.67
N VAL A 161 17.53 -6.76 -11.20
CA VAL A 161 18.60 -6.46 -10.23
C VAL A 161 18.43 -7.30 -8.94
N ALA A 162 17.21 -7.32 -8.38
CA ALA A 162 16.84 -8.13 -7.21
C ALA A 162 17.09 -9.61 -7.48
N TYR A 163 16.66 -10.10 -8.67
CA TYR A 163 16.82 -11.48 -9.07
C TYR A 163 18.31 -11.87 -9.16
N ARG A 164 19.16 -10.98 -9.75
CA ARG A 164 20.59 -11.30 -9.90
C ARG A 164 21.32 -11.29 -8.55
N SER A 165 21.02 -10.30 -7.70
CA SER A 165 21.56 -10.18 -6.35
C SER A 165 21.22 -11.44 -5.53
N MET A 166 19.98 -11.96 -5.67
CA MET A 166 19.54 -13.19 -5.00
C MET A 166 20.46 -14.35 -5.40
N LEU A 167 20.77 -14.49 -6.70
CA LEU A 167 21.63 -15.58 -7.19
C LEU A 167 23.11 -15.38 -6.79
N ASP A 168 23.67 -14.18 -7.03
CA ASP A 168 25.06 -13.84 -6.76
C ASP A 168 25.43 -13.78 -5.26
N ASP A 169 24.53 -13.27 -4.41
CA ASP A 169 24.80 -13.13 -2.97
C ASP A 169 24.18 -14.22 -2.10
N ARG A 170 23.32 -15.09 -2.69
CA ARG A 170 22.57 -16.17 -1.98
C ARG A 170 21.85 -15.59 -0.77
N GLN A 171 21.08 -14.52 -1.06
CA GLN A 171 20.34 -13.73 -0.08
C GLN A 171 18.94 -13.45 -0.59
N ASN A 172 17.97 -13.45 0.33
CA ASN A 172 16.57 -13.12 0.01
C ASN A 172 16.47 -11.63 -0.28
N GLN A 173 15.52 -11.27 -1.13
CA GLN A 173 15.34 -9.88 -1.58
C GLN A 173 13.91 -9.38 -1.32
N SER A 174 13.72 -8.07 -1.36
CA SER A 174 12.39 -7.48 -1.24
C SER A 174 12.29 -6.24 -2.11
N LEU A 175 11.10 -6.00 -2.66
CA LEU A 175 10.77 -4.81 -3.44
C LEU A 175 9.62 -4.17 -2.73
N LEU A 176 9.90 -3.04 -2.10
CA LEU A 176 8.91 -2.29 -1.33
C LEU A 176 8.30 -1.25 -2.22
N ILE A 177 7.06 -1.47 -2.61
CA ILE A 177 6.39 -0.54 -3.53
C ILE A 177 5.48 0.35 -2.73
N THR A 178 5.87 1.62 -2.54
CA THR A 178 5.12 2.57 -1.67
C THR A 178 4.49 3.75 -2.40
N GLY A 179 3.58 4.43 -1.72
CA GLY A 179 2.93 5.62 -2.23
C GLY A 179 1.51 5.76 -1.77
N GLU A 180 0.96 6.95 -1.93
CA GLU A 180 -0.41 7.21 -1.52
C GLU A 180 -1.43 6.51 -2.46
N SER A 181 -2.72 6.47 -2.03
CA SER A 181 -3.84 5.90 -2.77
C SER A 181 -3.87 6.40 -4.20
N GLY A 182 -3.90 5.46 -5.14
CA GLY A 182 -3.93 5.71 -6.57
C GLY A 182 -2.61 6.08 -7.21
N ALA A 183 -1.49 6.02 -6.45
CA ALA A 183 -0.15 6.37 -6.97
C ALA A 183 0.43 5.38 -7.99
N GLY A 184 0.00 4.12 -7.95
CA GLY A 184 0.45 3.10 -8.91
C GLY A 184 1.10 1.86 -8.33
N LYS A 185 0.95 1.66 -7.00
CA LYS A 185 1.54 0.52 -6.30
C LYS A 185 1.13 -0.82 -6.85
N THR A 186 -0.17 -1.05 -6.99
CA THR A 186 -0.69 -2.33 -7.43
C THR A 186 -0.28 -2.66 -8.88
N GLU A 187 -0.29 -1.64 -9.77
CA GLU A 187 0.10 -1.83 -11.17
C GLU A 187 1.55 -2.25 -11.26
N ASN A 188 2.43 -1.60 -10.49
CA ASN A 188 3.85 -1.91 -10.47
C ASN A 188 4.14 -3.26 -9.84
N THR A 189 3.36 -3.65 -8.78
CA THR A 189 3.45 -4.95 -8.10
C THR A 189 3.19 -6.06 -9.11
N LYS A 190 2.11 -5.90 -9.92
CA LYS A 190 1.74 -6.86 -10.95
C LYS A 190 2.84 -7.00 -12.04
N LYS A 191 3.54 -5.91 -12.38
CA LYS A 191 4.64 -5.91 -13.36
C LYS A 191 5.86 -6.67 -12.82
N VAL A 192 6.13 -6.51 -11.51
CA VAL A 192 7.19 -7.28 -10.84
C VAL A 192 6.88 -8.78 -10.97
N ILE A 193 5.63 -9.20 -10.66
CA ILE A 193 5.21 -10.60 -10.69
C ILE A 193 5.33 -11.18 -12.10
N GLN A 194 4.79 -10.44 -13.09
CA GLN A 194 4.83 -10.80 -14.50
C GLN A 194 6.31 -11.03 -14.93
N TYR A 195 7.19 -10.07 -14.60
CA TYR A 195 8.61 -10.15 -14.94
C TYR A 195 9.32 -11.39 -14.39
N LEU A 196 9.22 -11.62 -13.06
CA LEU A 196 9.84 -12.76 -12.39
C LEU A 196 9.33 -14.10 -12.91
N ALA A 197 7.99 -14.20 -13.14
CA ALA A 197 7.36 -15.42 -13.70
C ALA A 197 8.00 -15.75 -15.03
N SER A 198 8.28 -14.71 -15.85
CA SER A 198 8.89 -14.91 -17.14
C SER A 198 10.39 -15.23 -17.07
N VAL A 199 11.21 -14.40 -16.40
CA VAL A 199 12.65 -14.65 -16.38
C VAL A 199 13.07 -15.89 -15.53
N ALA A 200 12.28 -16.29 -14.51
CA ALA A 200 12.59 -17.43 -13.64
C ALA A 200 11.69 -18.67 -13.83
N GLY A 201 10.74 -18.57 -14.78
CA GLY A 201 9.81 -19.65 -15.08
C GLY A 201 10.44 -20.83 -15.79
N ARG A 202 9.84 -22.03 -15.57
CA ARG A 202 10.26 -23.31 -16.14
C ARG A 202 9.53 -23.60 -17.46
N GLY A 209 4.40 -22.56 -18.03
CA GLY A 209 4.49 -23.37 -16.83
C GLY A 209 3.26 -23.22 -15.97
N VAL A 210 2.70 -24.36 -15.53
CA VAL A 210 1.45 -24.46 -14.74
C VAL A 210 1.50 -23.57 -13.48
N LEU A 211 2.58 -23.70 -12.67
CA LEU A 211 2.76 -22.94 -11.45
C LEU A 211 2.84 -21.42 -11.70
N GLU A 212 3.57 -21.02 -12.78
CA GLU A 212 3.72 -19.62 -13.16
C GLU A 212 2.36 -19.02 -13.52
N GLN A 213 1.52 -19.76 -14.29
CA GLN A 213 0.16 -19.33 -14.66
C GLN A 213 -0.74 -19.15 -13.41
N GLN A 214 -0.65 -20.09 -12.46
CA GLN A 214 -1.44 -20.00 -11.22
C GLN A 214 -1.01 -18.80 -10.38
N ILE A 215 0.31 -18.48 -10.33
CA ILE A 215 0.84 -17.34 -9.60
C ILE A 215 0.27 -16.04 -10.18
N LEU A 216 0.20 -15.97 -11.53
CA LEU A 216 -0.35 -14.82 -12.26
C LEU A 216 -1.86 -14.65 -12.03
N GLN A 217 -2.56 -15.72 -11.67
CA GLN A 217 -4.01 -15.70 -11.44
C GLN A 217 -4.41 -15.41 -9.97
N ALA A 218 -3.44 -15.34 -9.05
CA ALA A 218 -3.68 -15.07 -7.64
C ALA A 218 -4.20 -13.64 -7.39
N ASN A 219 -3.54 -12.61 -7.95
CA ASN A 219 -3.96 -11.21 -7.78
C ASN A 219 -5.35 -10.92 -8.38
N PRO A 220 -5.74 -11.41 -9.58
CA PRO A 220 -7.12 -11.19 -10.07
C PRO A 220 -8.21 -11.74 -9.13
N ILE A 221 -7.98 -12.87 -8.44
CA ILE A 221 -8.96 -13.38 -7.50
C ILE A 221 -9.09 -12.40 -6.33
N LEU A 222 -7.95 -12.06 -5.70
CA LEU A 222 -7.89 -11.20 -4.51
C LEU A 222 -8.36 -9.77 -4.79
N GLU A 223 -8.16 -9.28 -6.02
CA GLU A 223 -8.63 -7.95 -6.39
C GLU A 223 -10.17 -7.89 -6.50
N ALA A 224 -10.81 -8.96 -7.00
CA ALA A 224 -12.27 -8.97 -7.09
C ALA A 224 -12.89 -8.81 -5.69
N PHE A 225 -12.25 -9.42 -4.64
CA PHE A 225 -12.73 -9.39 -3.26
C PHE A 225 -12.13 -8.31 -2.38
N GLY A 226 -10.96 -7.81 -2.72
CA GLY A 226 -10.28 -6.84 -1.87
C GLY A 226 -10.17 -5.45 -2.42
N ASN A 227 -10.58 -5.25 -3.67
CA ASN A 227 -10.51 -3.93 -4.29
C ASN A 227 -11.91 -3.35 -4.49
N ALA A 228 -12.02 -2.01 -4.55
CA ALA A 228 -13.28 -1.25 -4.72
C ALA A 228 -13.01 0.13 -5.31
N LYS A 229 -14.04 0.74 -5.90
CA LYS A 229 -13.93 2.10 -6.40
C LYS A 229 -14.08 3.03 -5.20
N THR A 230 -13.05 3.88 -4.99
CA THR A 230 -13.06 4.93 -3.98
C THR A 230 -12.95 6.24 -4.77
N THR A 231 -13.04 7.41 -4.09
CA THR A 231 -12.93 8.73 -4.76
C THR A 231 -11.53 8.99 -5.26
N ARG A 232 -10.52 8.31 -4.70
CA ARG A 232 -9.11 8.50 -5.10
C ARG A 232 -8.62 7.47 -6.09
N ASN A 233 -9.29 6.30 -6.21
CA ASN A 233 -8.86 5.22 -7.09
C ASN A 233 -10.04 4.32 -7.51
N ASN A 234 -10.24 4.18 -8.83
CA ASN A 234 -11.29 3.30 -9.37
C ASN A 234 -11.03 1.82 -9.03
N ASN A 235 -9.77 1.46 -8.75
CA ASN A 235 -9.39 0.09 -8.39
C ASN A 235 -8.59 0.11 -7.10
N SER A 236 -9.10 0.83 -6.10
CA SER A 236 -8.38 0.93 -4.82
C SER A 236 -8.22 -0.42 -4.15
N SER A 237 -7.00 -0.73 -3.66
CA SER A 237 -6.75 -1.94 -2.85
C SER A 237 -7.24 -1.60 -1.44
N GLU A 238 -8.18 -2.38 -0.89
CA GLU A 238 -8.68 -2.12 0.49
C GLU A 238 -8.07 -3.10 1.50
N PHE A 239 -6.88 -3.61 1.17
CA PHE A 239 -6.08 -4.50 1.99
C PHE A 239 -4.62 -4.29 1.56
N GLY A 240 -3.69 -4.60 2.44
CA GLY A 240 -2.28 -4.58 2.12
C GLY A 240 -1.83 -6.00 1.86
N LYS A 241 -0.78 -6.17 1.07
CA LYS A 241 -0.31 -7.51 0.77
C LYS A 241 1.20 -7.65 0.69
N PHE A 242 1.67 -8.82 1.06
CA PHE A 242 3.06 -9.18 0.93
C PHE A 242 3.08 -10.47 0.16
N ILE A 243 3.68 -10.42 -1.04
CA ILE A 243 3.80 -11.57 -1.91
C ILE A 243 5.24 -12.07 -1.93
N GLU A 244 5.44 -13.33 -1.55
CA GLU A 244 6.75 -13.96 -1.61
C GLU A 244 6.83 -14.79 -2.87
N ILE A 245 7.75 -14.47 -3.80
CA ILE A 245 7.96 -15.31 -4.98
C ILE A 245 9.09 -16.23 -4.56
N GLN A 246 8.85 -17.54 -4.56
CA GLN A 246 9.82 -18.51 -4.05
C GLN A 246 10.61 -19.18 -5.14
N PHE A 247 11.90 -19.38 -4.90
CA PHE A 247 12.85 -19.91 -5.85
C PHE A 247 13.64 -21.09 -5.32
N ASN A 248 14.10 -21.96 -6.20
CA ASN A 248 15.01 -22.99 -5.79
C ASN A 248 16.44 -22.53 -5.90
N SER A 249 17.36 -23.42 -5.62
CA SER A 249 18.75 -23.10 -5.61
C SER A 249 19.25 -22.66 -6.96
N ALA A 250 18.66 -23.20 -8.01
CA ALA A 250 19.09 -22.88 -9.35
C ALA A 250 18.55 -21.58 -9.86
N GLY A 251 17.51 -21.08 -9.23
CA GLY A 251 16.92 -19.81 -9.59
C GLY A 251 15.56 -19.92 -10.23
N PHE A 252 14.98 -21.10 -10.18
CA PHE A 252 13.68 -21.34 -10.78
C PHE A 252 12.63 -21.16 -9.73
N ILE A 253 11.48 -20.59 -10.15
CA ILE A 253 10.33 -20.40 -9.28
C ILE A 253 9.84 -21.76 -8.83
N SER A 254 9.83 -21.98 -7.51
CA SER A 254 9.38 -23.23 -6.89
C SER A 254 8.01 -23.03 -6.20
N GLY A 255 7.57 -21.78 -6.10
CA GLY A 255 6.28 -21.45 -5.49
C GLY A 255 6.11 -19.96 -5.20
N ALA A 256 5.05 -19.64 -4.42
CA ALA A 256 4.70 -18.29 -3.98
C ALA A 256 3.79 -18.35 -2.74
N SER A 257 3.82 -17.30 -1.91
CA SER A 257 3.03 -17.16 -0.69
C SER A 257 2.44 -15.74 -0.60
N ILE A 258 1.19 -15.62 -0.16
CA ILE A 258 0.54 -14.32 0.03
C ILE A 258 0.13 -14.13 1.49
N GLN A 259 0.42 -12.93 2.04
CA GLN A 259 0.00 -12.55 3.39
C GLN A 259 -0.79 -11.25 3.20
N SER A 260 -2.03 -11.20 3.70
CA SER A 260 -2.88 -10.03 3.60
C SER A 260 -2.97 -9.29 4.94
N TYR A 261 -3.20 -7.96 4.86
CA TYR A 261 -3.24 -7.08 6.02
C TYR A 261 -4.37 -6.06 5.90
N LEU A 262 -5.05 -5.79 7.02
CA LEU A 262 -6.01 -4.70 7.20
C LEU A 262 -7.14 -4.57 6.17
N LEU A 263 -7.78 -5.71 5.80
CA LEU A 263 -8.92 -5.68 4.90
C LEU A 263 -9.96 -4.72 5.48
N GLU A 264 -10.41 -3.73 4.70
CA GLU A 264 -11.36 -2.73 5.17
C GLU A 264 -12.79 -3.30 5.23
N LYS A 265 -13.12 -4.02 6.31
CA LYS A 265 -14.42 -4.73 6.35
C LYS A 265 -15.68 -3.84 6.42
N SER A 266 -15.57 -2.61 6.92
CA SER A 266 -16.76 -1.76 7.03
C SER A 266 -17.31 -1.32 5.69
N ARG A 267 -16.47 -1.37 4.60
CA ARG A 267 -16.91 -1.04 3.23
C ARG A 267 -18.07 -1.94 2.79
N VAL A 268 -18.12 -3.20 3.31
CA VAL A 268 -19.19 -4.15 2.99
C VAL A 268 -20.59 -3.58 3.36
N VAL A 269 -20.67 -2.90 4.51
CA VAL A 269 -21.94 -2.39 5.03
C VAL A 269 -22.17 -0.91 4.78
N PHE A 270 -21.10 -0.12 4.50
CA PHE A 270 -21.22 1.32 4.27
C PHE A 270 -20.24 1.80 3.23
N GLN A 271 -20.72 2.71 2.36
CA GLN A 271 -19.88 3.37 1.36
C GLN A 271 -20.30 4.84 1.24
N SER A 272 -19.28 5.73 1.14
CA SER A 272 -19.41 7.17 0.92
C SER A 272 -20.01 7.40 -0.46
N GLU A 273 -20.69 8.54 -0.66
CA GLU A 273 -21.28 8.93 -1.94
C GLU A 273 -20.26 8.78 -3.06
N THR A 274 -20.68 8.23 -4.23
CA THR A 274 -19.86 7.98 -5.44
C THR A 274 -18.96 6.75 -5.35
N GLU A 275 -18.71 6.21 -4.18
CA GLU A 275 -17.86 5.03 -4.05
C GLU A 275 -18.66 3.75 -4.24
N ARG A 276 -17.98 2.61 -4.34
CA ARG A 276 -18.67 1.32 -4.47
C ARG A 276 -18.23 0.41 -3.34
N ASN A 277 -18.94 -0.70 -3.20
CA ASN A 277 -18.59 -1.80 -2.30
C ASN A 277 -17.52 -2.62 -3.09
N TYR A 278 -17.08 -3.75 -2.55
CA TYR A 278 -16.10 -4.60 -3.25
C TYR A 278 -16.59 -5.00 -4.64
N HIS A 279 -15.68 -4.98 -5.66
CA HIS A 279 -16.00 -5.31 -7.06
C HIS A 279 -16.85 -6.60 -7.18
N ILE A 280 -16.53 -7.64 -6.39
CA ILE A 280 -17.21 -8.96 -6.46
C ILE A 280 -18.77 -8.87 -6.41
N PHE A 281 -19.34 -8.00 -5.56
CA PHE A 281 -20.79 -7.83 -5.45
C PHE A 281 -21.42 -7.46 -6.80
N TYR A 282 -20.80 -6.53 -7.52
CA TYR A 282 -21.26 -6.06 -8.83
C TYR A 282 -21.01 -7.09 -9.91
N GLN A 283 -19.88 -7.80 -9.81
CA GLN A 283 -19.50 -8.84 -10.75
C GLN A 283 -20.51 -10.01 -10.74
N LEU A 284 -20.90 -10.47 -9.53
CA LEU A 284 -21.85 -11.55 -9.36
C LEU A 284 -23.24 -11.14 -9.86
N LEU A 285 -23.69 -9.90 -9.53
CA LEU A 285 -25.02 -9.46 -9.96
C LEU A 285 -25.13 -9.25 -11.46
N ALA A 286 -24.04 -8.87 -12.13
CA ALA A 286 -24.02 -8.63 -13.57
C ALA A 286 -23.64 -9.88 -14.40
N GLY A 287 -22.88 -10.81 -13.82
CA GLY A 287 -22.34 -11.96 -14.52
C GLY A 287 -22.96 -13.32 -14.26
N ALA A 288 -23.86 -13.43 -13.27
CA ALA A 288 -24.51 -14.70 -12.94
C ALA A 288 -25.41 -15.18 -14.08
N THR A 289 -25.46 -16.52 -14.25
CA THR A 289 -26.35 -17.15 -15.24
C THR A 289 -27.75 -17.06 -14.64
N ALA A 290 -28.81 -17.15 -15.48
CA ALA A 290 -30.21 -17.09 -15.05
C ALA A 290 -30.53 -18.10 -13.93
N GLU A 291 -29.89 -19.29 -14.00
CA GLU A 291 -29.98 -20.41 -13.06
C GLU A 291 -29.38 -20.00 -11.70
N GLU A 292 -28.17 -19.39 -11.72
CA GLU A 292 -27.47 -18.89 -10.55
C GLU A 292 -28.28 -17.80 -9.86
N LYS A 293 -28.84 -16.86 -10.65
CA LYS A 293 -29.67 -15.76 -10.13
C LYS A 293 -30.92 -16.27 -9.41
N LYS A 294 -31.48 -17.42 -9.84
CA LYS A 294 -32.65 -18.02 -9.21
C LYS A 294 -32.26 -18.74 -7.91
N ALA A 295 -31.13 -19.47 -7.93
CA ALA A 295 -30.60 -20.25 -6.81
C ALA A 295 -30.08 -19.39 -5.67
N LEU A 296 -29.54 -18.20 -6.00
CA LEU A 296 -28.99 -17.25 -5.02
C LEU A 296 -29.94 -16.07 -4.71
N HIS A 297 -31.17 -16.08 -5.30
CA HIS A 297 -32.24 -15.07 -5.13
C HIS A 297 -31.74 -13.64 -5.46
N LEU A 298 -30.89 -13.53 -6.49
CA LEU A 298 -30.30 -12.26 -6.92
C LEU A 298 -31.27 -11.36 -7.64
N ALA A 299 -30.91 -10.08 -7.71
CA ALA A 299 -31.63 -9.00 -8.40
C ALA A 299 -30.57 -7.94 -8.71
N GLY A 300 -30.99 -6.76 -9.15
CA GLY A 300 -30.08 -5.66 -9.47
C GLY A 300 -29.45 -5.04 -8.23
N PRO A 301 -28.31 -4.32 -8.36
CA PRO A 301 -27.67 -3.73 -7.16
C PRO A 301 -28.53 -2.72 -6.40
N GLU A 302 -29.50 -2.11 -7.10
CA GLU A 302 -30.44 -1.13 -6.55
C GLU A 302 -31.44 -1.77 -5.55
N SER A 303 -31.55 -3.12 -5.57
CA SER A 303 -32.42 -3.90 -4.69
C SER A 303 -31.76 -4.25 -3.35
N PHE A 304 -30.45 -3.93 -3.19
CA PHE A 304 -29.71 -4.25 -1.96
C PHE A 304 -29.20 -3.02 -1.26
N ASN A 305 -29.51 -2.90 0.03
CA ASN A 305 -29.08 -1.82 0.93
C ASN A 305 -27.56 -1.65 0.95
N TYR A 306 -26.81 -2.75 0.81
CA TYR A 306 -25.35 -2.71 0.79
C TYR A 306 -24.77 -2.18 -0.53
N LEU A 307 -25.61 -1.94 -1.57
CA LEU A 307 -25.18 -1.46 -2.88
C LEU A 307 -25.95 -0.26 -3.43
N ASN A 308 -27.05 0.16 -2.78
CA ASN A 308 -27.90 1.27 -3.28
C ASN A 308 -27.80 2.58 -2.49
N GLN A 309 -26.79 2.72 -1.64
CA GLN A 309 -26.66 3.89 -0.81
C GLN A 309 -25.71 4.98 -1.38
N SER A 310 -24.67 4.60 -2.12
CA SER A 310 -23.67 5.54 -2.64
C SER A 310 -24.05 6.35 -3.88
N GLY A 311 -24.98 5.83 -4.67
CA GLY A 311 -25.39 6.43 -5.93
C GLY A 311 -24.53 5.98 -7.08
N CYS A 312 -23.66 5.00 -6.86
CA CYS A 312 -22.77 4.49 -7.89
C CYS A 312 -22.76 2.97 -7.88
N VAL A 313 -23.14 2.36 -9.01
CA VAL A 313 -23.17 0.90 -9.18
C VAL A 313 -22.23 0.42 -10.31
N ASP A 314 -21.62 1.37 -11.05
CA ASP A 314 -20.71 1.03 -12.15
C ASP A 314 -19.49 1.96 -12.25
N ILE A 315 -18.41 1.46 -12.85
CA ILE A 315 -17.16 2.21 -13.03
C ILE A 315 -17.02 2.43 -14.53
N LYS A 316 -16.70 3.66 -14.95
CA LYS A 316 -16.53 4.01 -16.37
C LYS A 316 -15.41 3.19 -17.00
N GLY A 317 -15.73 2.51 -18.10
CA GLY A 317 -14.79 1.66 -18.83
C GLY A 317 -14.61 0.27 -18.25
N VAL A 318 -15.40 -0.09 -17.24
CA VAL A 318 -15.32 -1.41 -16.62
C VAL A 318 -16.63 -2.12 -16.87
N SER A 319 -16.57 -3.36 -17.40
CA SER A 319 -17.72 -4.24 -17.59
C SER A 319 -17.67 -5.25 -16.43
N ASP A 320 -18.62 -5.20 -15.52
CA ASP A 320 -18.60 -6.10 -14.39
C ASP A 320 -18.84 -7.56 -14.75
N SER A 321 -19.63 -7.82 -15.78
CA SER A 321 -19.87 -9.17 -16.21
C SER A 321 -18.63 -9.76 -16.84
N GLU A 322 -17.83 -8.93 -17.47
CA GLU A 322 -16.63 -9.42 -18.11
C GLU A 322 -15.55 -9.65 -17.10
N GLU A 323 -15.56 -8.84 -16.07
CA GLU A 323 -14.67 -9.03 -14.97
C GLU A 323 -15.05 -10.31 -14.26
N PHE A 324 -16.33 -10.55 -14.08
CA PHE A 324 -16.76 -11.78 -13.42
C PHE A 324 -16.26 -13.06 -14.11
N LYS A 325 -16.19 -13.05 -15.48
CA LYS A 325 -15.67 -14.17 -16.29
C LYS A 325 -14.17 -14.36 -16.01
N ILE A 326 -13.43 -13.25 -15.86
CA ILE A 326 -12.01 -13.20 -15.51
C ILE A 326 -11.77 -13.77 -14.08
N THR A 327 -12.61 -13.38 -13.10
CA THR A 327 -12.51 -13.87 -11.72
C THR A 327 -12.74 -15.38 -11.70
N ARG A 328 -13.78 -15.85 -12.42
CA ARG A 328 -14.15 -17.26 -12.52
C ARG A 328 -13.07 -18.09 -13.19
N GLN A 329 -12.41 -17.53 -14.24
CA GLN A 329 -11.32 -18.22 -14.94
C GLN A 329 -10.08 -18.30 -14.04
N ALA A 330 -9.79 -17.20 -13.30
CA ALA A 330 -8.69 -17.15 -12.33
C ALA A 330 -8.88 -18.25 -11.29
N MET A 331 -10.14 -18.45 -10.82
CA MET A 331 -10.49 -19.48 -9.83
C MET A 331 -10.28 -20.91 -10.39
N ASP A 332 -10.65 -21.12 -11.67
CA ASP A 332 -10.48 -22.40 -12.37
C ASP A 332 -9.00 -22.76 -12.49
N ILE A 333 -8.15 -21.80 -12.92
CA ILE A 333 -6.70 -21.97 -13.05
C ILE A 333 -6.03 -22.28 -11.70
N VAL A 334 -6.38 -21.50 -10.66
CA VAL A 334 -5.83 -21.68 -9.31
C VAL A 334 -6.23 -23.06 -8.74
N GLY A 335 -7.44 -23.52 -9.04
CA GLY A 335 -7.85 -24.84 -8.60
C GLY A 335 -9.10 -24.92 -7.76
N PHE A 336 -9.87 -23.81 -7.65
CA PHE A 336 -11.13 -23.80 -6.89
C PHE A 336 -12.17 -24.63 -7.65
N SER A 337 -12.74 -25.65 -6.99
CA SER A 337 -13.77 -26.51 -7.56
C SER A 337 -15.04 -25.69 -7.85
N GLN A 338 -15.93 -26.21 -8.70
CA GLN A 338 -17.20 -25.55 -9.03
C GLN A 338 -18.10 -25.46 -7.80
N GLU A 339 -18.00 -26.45 -6.91
CA GLU A 339 -18.74 -26.49 -5.66
C GLU A 339 -18.23 -25.39 -4.72
N GLU A 340 -16.89 -25.23 -4.60
CA GLU A 340 -16.22 -24.19 -3.80
C GLU A 340 -16.56 -22.82 -4.34
N GLN A 341 -16.56 -22.66 -5.67
CA GLN A 341 -16.93 -21.40 -6.30
C GLN A 341 -18.39 -21.03 -6.00
N MET A 342 -19.30 -22.00 -6.08
CA MET A 342 -20.71 -21.76 -5.81
C MET A 342 -20.93 -21.40 -4.34
N SER A 343 -20.17 -22.02 -3.44
CA SER A 343 -20.21 -21.73 -2.02
C SER A 343 -19.73 -20.30 -1.76
N ILE A 344 -18.65 -19.87 -2.47
CA ILE A 344 -18.11 -18.51 -2.41
C ILE A 344 -19.22 -17.51 -2.80
N PHE A 345 -19.91 -17.77 -3.94
CA PHE A 345 -21.00 -16.92 -4.44
C PHE A 345 -22.24 -16.92 -3.54
N LYS A 346 -22.54 -18.03 -2.83
CA LYS A 346 -23.65 -18.09 -1.88
C LYS A 346 -23.38 -17.15 -0.69
N ILE A 347 -22.10 -17.06 -0.25
CA ILE A 347 -21.65 -16.20 0.86
C ILE A 347 -21.82 -14.74 0.47
N ILE A 348 -21.45 -14.38 -0.77
CA ILE A 348 -21.60 -13.01 -1.29
C ILE A 348 -23.11 -12.66 -1.37
N ALA A 349 -23.92 -13.59 -1.89
CA ALA A 349 -25.38 -13.47 -2.03
C ALA A 349 -26.03 -13.32 -0.67
N GLY A 350 -25.61 -14.17 0.27
CA GLY A 350 -26.10 -14.19 1.65
C GLY A 350 -25.88 -12.88 2.38
N ILE A 351 -24.70 -12.27 2.18
CA ILE A 351 -24.31 -10.98 2.77
C ILE A 351 -25.27 -9.88 2.31
N LEU A 352 -25.58 -9.86 1.00
CA LEU A 352 -26.50 -8.89 0.40
C LEU A 352 -27.89 -9.07 1.01
N HIS A 353 -28.39 -10.33 1.10
CA HIS A 353 -29.66 -10.64 1.76
C HIS A 353 -29.69 -10.21 3.21
N LEU A 354 -28.59 -10.42 3.99
CA LEU A 354 -28.48 -10.00 5.39
C LEU A 354 -28.65 -8.49 5.54
N GLY A 355 -28.10 -7.72 4.60
CA GLY A 355 -28.19 -6.27 4.58
C GLY A 355 -29.58 -5.71 4.39
N ASN A 356 -30.48 -6.52 3.78
CA ASN A 356 -31.88 -6.18 3.52
C ASN A 356 -32.81 -6.47 4.72
N ILE A 357 -32.29 -7.15 5.76
CA ILE A 357 -33.09 -7.44 6.94
C ILE A 357 -33.38 -6.11 7.63
N LYS A 358 -34.67 -5.76 7.72
CA LYS A 358 -35.12 -4.52 8.33
C LYS A 358 -35.70 -4.83 9.70
N PHE A 359 -35.01 -4.40 10.75
CA PHE A 359 -35.48 -4.63 12.12
C PHE A 359 -36.41 -3.49 12.49
N GLU A 360 -37.47 -3.79 13.22
CA GLU A 360 -38.47 -2.80 13.65
C GLU A 360 -38.73 -2.94 15.12
N LYS A 361 -39.22 -1.87 15.77
CA LYS A 361 -39.52 -1.92 17.19
C LYS A 361 -40.80 -2.71 17.37
N GLY A 362 -40.79 -3.63 18.32
CA GLY A 362 -41.97 -4.44 18.68
C GLY A 362 -42.69 -3.78 19.84
N ALA A 363 -43.50 -4.57 20.58
CA ALA A 363 -44.21 -4.10 21.78
C ALA A 363 -43.15 -3.78 22.85
N GLY A 364 -43.05 -2.50 23.21
CA GLY A 364 -42.04 -2.02 24.17
C GLY A 364 -40.62 -2.12 23.64
N GLU A 365 -39.62 -2.12 24.55
CA GLU A 365 -38.21 -2.20 24.18
C GLU A 365 -37.86 -3.63 23.72
N GLY A 366 -37.24 -3.71 22.54
CA GLY A 366 -36.85 -4.96 21.89
C GLY A 366 -37.28 -5.02 20.44
N ALA A 367 -36.37 -5.41 19.55
CA ALA A 367 -36.67 -5.48 18.11
C ALA A 367 -37.40 -6.75 17.67
N VAL A 368 -38.19 -6.62 16.60
CA VAL A 368 -38.92 -7.70 15.92
C VAL A 368 -38.52 -7.69 14.44
N LEU A 369 -38.89 -8.76 13.73
CA LEU A 369 -38.68 -8.89 12.32
C LEU A 369 -40.06 -9.19 11.73
N LYS A 370 -40.67 -8.18 11.07
CA LYS A 370 -42.02 -8.29 10.49
C LYS A 370 -42.03 -9.06 9.18
N ASP A 371 -41.08 -8.75 8.28
CA ASP A 371 -40.96 -9.41 6.98
C ASP A 371 -39.72 -10.31 6.99
N LYS A 372 -39.91 -11.63 6.77
CA LYS A 372 -38.86 -12.65 6.80
C LYS A 372 -38.23 -13.00 5.44
N THR A 373 -38.63 -12.32 4.33
CA THR A 373 -38.10 -12.57 2.99
C THR A 373 -36.56 -12.56 2.93
N ALA A 374 -35.93 -11.45 3.37
CA ALA A 374 -34.45 -11.32 3.34
C ALA A 374 -33.79 -12.34 4.28
N LEU A 375 -34.37 -12.56 5.47
CA LEU A 375 -33.87 -13.55 6.43
C LEU A 375 -33.82 -14.98 5.84
N ASN A 376 -34.90 -15.38 5.16
CA ASN A 376 -35.05 -16.70 4.53
C ASN A 376 -34.14 -16.87 3.33
N ALA A 377 -33.95 -15.81 2.54
CA ALA A 377 -33.04 -15.83 1.40
C ALA A 377 -31.60 -16.07 1.88
N ALA A 378 -31.17 -15.34 2.93
CA ALA A 378 -29.83 -15.47 3.54
C ALA A 378 -29.64 -16.88 4.10
N SER A 379 -30.62 -17.38 4.90
CA SER A 379 -30.57 -18.71 5.49
C SER A 379 -30.48 -19.84 4.47
N THR A 380 -31.18 -19.70 3.32
CA THR A 380 -31.16 -20.66 2.21
C THR A 380 -29.76 -20.75 1.58
N VAL A 381 -29.17 -19.62 1.18
CA VAL A 381 -27.85 -19.63 0.54
C VAL A 381 -26.74 -20.05 1.53
N PHE A 382 -26.86 -19.65 2.82
CA PHE A 382 -25.90 -20.01 3.87
C PHE A 382 -26.04 -21.43 4.38
N GLY A 383 -27.19 -22.09 4.12
CA GLY A 383 -27.47 -23.43 4.62
C GLY A 383 -27.66 -23.48 6.12
N VAL A 384 -28.22 -22.41 6.70
CA VAL A 384 -28.46 -22.31 8.15
C VAL A 384 -29.97 -22.27 8.43
N ASN A 385 -30.36 -22.53 9.66
CA ASN A 385 -31.74 -22.53 10.12
C ASN A 385 -32.21 -21.09 10.29
N PRO A 386 -33.27 -20.64 9.59
CA PRO A 386 -33.69 -19.23 9.72
C PRO A 386 -34.23 -18.82 11.08
N SER A 387 -34.89 -19.75 11.82
CA SER A 387 -35.43 -19.43 13.15
C SER A 387 -34.29 -19.32 14.18
N VAL A 388 -33.25 -20.16 14.02
CA VAL A 388 -32.03 -20.09 14.85
C VAL A 388 -31.30 -18.77 14.48
N LEU A 389 -31.28 -18.38 13.20
CA LEU A 389 -30.62 -17.13 12.77
C LEU A 389 -31.30 -15.89 13.38
N GLU A 390 -32.63 -15.81 13.24
CA GLU A 390 -33.50 -14.76 13.78
C GLU A 390 -33.26 -14.53 15.31
N LYS A 391 -33.26 -15.62 16.10
CA LYS A 391 -33.05 -15.59 17.55
C LYS A 391 -31.61 -15.15 17.88
N ALA A 392 -30.62 -15.63 17.12
CA ALA A 392 -29.21 -15.27 17.34
C ALA A 392 -28.93 -13.78 17.07
N LEU A 393 -29.73 -13.15 16.17
CA LEU A 393 -29.61 -11.72 15.82
C LEU A 393 -30.28 -10.79 16.85
N MET A 394 -31.55 -11.07 17.22
CA MET A 394 -32.37 -10.23 18.12
C MET A 394 -32.40 -10.67 19.57
N GLU A 395 -32.26 -11.97 19.82
CA GLU A 395 -32.28 -12.49 21.18
C GLU A 395 -31.03 -13.34 21.50
N PRO A 396 -29.80 -12.83 21.33
CA PRO A 396 -28.64 -13.68 21.62
C PRO A 396 -28.53 -13.98 23.12
N ARG A 397 -28.08 -15.19 23.46
CA ARG A 397 -27.91 -15.56 24.86
C ARG A 397 -26.47 -15.27 25.30
N ILE A 398 -26.32 -14.88 26.57
CA ILE A 398 -25.03 -14.58 27.17
C ILE A 398 -25.02 -15.16 28.57
N LEU A 399 -23.83 -15.19 29.18
CA LEU A 399 -23.66 -15.59 30.56
C LEU A 399 -23.67 -14.31 31.42
N ALA A 400 -24.40 -14.32 32.52
CA ALA A 400 -24.38 -13.24 33.53
C ALA A 400 -23.92 -14.02 34.78
N GLY A 401 -22.60 -14.05 34.95
CA GLY A 401 -21.95 -14.91 35.94
C GLY A 401 -21.90 -16.27 35.26
N ARG A 402 -22.60 -17.25 35.84
CA ARG A 402 -22.75 -18.58 35.25
C ARG A 402 -24.19 -18.80 34.74
N ASP A 403 -25.06 -17.82 34.94
CA ASP A 403 -26.46 -17.91 34.51
C ASP A 403 -26.60 -17.67 33.02
N LEU A 404 -27.52 -18.36 32.37
CA LEU A 404 -27.73 -18.19 30.92
C LEU A 404 -28.91 -17.25 30.72
N VAL A 405 -28.66 -16.12 30.08
CA VAL A 405 -29.67 -15.08 29.94
C VAL A 405 -29.90 -14.72 28.47
N ALA A 406 -31.16 -14.69 28.04
CA ALA A 406 -31.48 -14.27 26.69
C ALA A 406 -31.61 -12.75 26.70
N GLN A 407 -30.89 -12.09 25.80
CA GLN A 407 -30.96 -10.63 25.64
C GLN A 407 -32.11 -10.37 24.68
N HIS A 408 -32.56 -9.13 24.61
CA HIS A 408 -33.53 -8.74 23.63
C HIS A 408 -33.09 -7.40 23.14
N LEU A 409 -32.33 -7.45 22.07
CA LEU A 409 -31.72 -6.29 21.44
C LEU A 409 -32.75 -5.43 20.74
N ASN A 410 -32.64 -4.11 20.93
CA ASN A 410 -33.44 -3.10 20.26
C ASN A 410 -32.97 -3.04 18.79
N VAL A 411 -33.64 -2.23 17.97
CA VAL A 411 -33.37 -2.06 16.54
C VAL A 411 -31.89 -1.78 16.25
N GLU A 412 -31.32 -0.76 16.91
CA GLU A 412 -29.94 -0.30 16.76
C GLU A 412 -28.93 -1.44 17.02
N LYS A 413 -29.07 -2.13 18.17
CA LYS A 413 -28.19 -3.24 18.55
C LYS A 413 -28.35 -4.47 17.66
N SER A 414 -29.58 -4.78 17.23
CA SER A 414 -29.89 -5.88 16.30
C SER A 414 -29.24 -5.60 14.94
N SER A 415 -29.37 -4.35 14.46
CA SER A 415 -28.76 -3.92 13.19
C SER A 415 -27.25 -3.96 13.24
N SER A 416 -26.65 -3.57 14.40
CA SER A 416 -25.19 -3.58 14.59
C SER A 416 -24.68 -5.01 14.68
N SER A 417 -25.45 -5.93 15.27
CA SER A 417 -25.04 -7.33 15.39
C SER A 417 -25.03 -7.99 13.99
N ARG A 418 -26.06 -7.68 13.18
CA ARG A 418 -26.21 -8.15 11.81
C ARG A 418 -25.01 -7.65 10.98
N ASP A 419 -24.60 -6.38 11.15
CA ASP A 419 -23.43 -5.84 10.44
C ASP A 419 -22.13 -6.55 10.88
N ALA A 420 -21.97 -6.84 12.19
CA ALA A 420 -20.81 -7.57 12.74
C ALA A 420 -20.74 -8.97 12.10
N LEU A 421 -21.89 -9.65 11.94
CA LEU A 421 -21.95 -10.97 11.30
C LEU A 421 -21.47 -10.88 9.82
N VAL A 422 -21.99 -9.89 9.10
CA VAL A 422 -21.65 -9.63 7.70
C VAL A 422 -20.13 -9.42 7.55
N LYS A 423 -19.56 -8.55 8.41
CA LYS A 423 -18.15 -8.18 8.42
C LYS A 423 -17.26 -9.38 8.77
N ALA A 424 -17.73 -10.22 9.72
CA ALA A 424 -17.05 -11.46 10.10
C ALA A 424 -17.06 -12.44 8.91
N LEU A 425 -18.22 -12.63 8.26
CA LEU A 425 -18.32 -13.50 7.07
C LEU A 425 -17.35 -13.09 5.97
N TYR A 426 -17.34 -11.79 5.64
CA TYR A 426 -16.50 -11.26 4.59
C TYR A 426 -15.01 -11.37 4.87
N GLY A 427 -14.61 -11.03 6.10
CA GLY A 427 -13.21 -11.11 6.54
C GLY A 427 -12.68 -12.53 6.55
N ARG A 428 -13.49 -13.44 7.07
CA ARG A 428 -13.18 -14.85 7.15
C ARG A 428 -13.11 -15.47 5.76
N LEU A 429 -14.05 -15.09 4.87
CA LEU A 429 -14.01 -15.53 3.47
C LEU A 429 -12.70 -15.08 2.80
N PHE A 430 -12.29 -13.83 3.03
CA PHE A 430 -11.08 -13.28 2.43
C PHE A 430 -9.84 -14.04 2.91
N LEU A 431 -9.77 -14.32 4.23
CA LEU A 431 -8.72 -15.12 4.83
C LEU A 431 -8.71 -16.50 4.24
N TRP A 432 -9.89 -17.09 4.01
CA TRP A 432 -10.02 -18.43 3.44
C TRP A 432 -9.47 -18.49 1.98
N LEU A 433 -9.81 -17.48 1.16
CA LEU A 433 -9.33 -17.37 -0.21
C LEU A 433 -7.80 -17.34 -0.26
N VAL A 434 -7.18 -16.55 0.62
CA VAL A 434 -5.72 -16.42 0.72
C VAL A 434 -5.10 -17.80 1.08
N LYS A 435 -5.70 -18.49 2.08
CA LYS A 435 -5.29 -19.82 2.53
C LYS A 435 -5.41 -20.84 1.39
N LYS A 436 -6.53 -20.83 0.66
CA LYS A 436 -6.73 -21.70 -0.48
C LYS A 436 -5.72 -21.42 -1.57
N ILE A 437 -5.46 -20.13 -1.87
CA ILE A 437 -4.48 -19.77 -2.90
C ILE A 437 -3.08 -20.28 -2.48
N ASN A 438 -2.67 -20.05 -1.22
CA ASN A 438 -1.39 -20.50 -0.67
C ASN A 438 -1.18 -22.01 -0.69
N ASN A 439 -2.27 -22.80 -0.47
CA ASN A 439 -2.23 -24.25 -0.48
C ASN A 439 -1.79 -24.77 -1.85
N VAL A 440 -2.16 -24.05 -2.90
CA VAL A 440 -1.82 -24.38 -4.28
C VAL A 440 -0.42 -23.88 -4.64
N LEU A 441 -0.10 -22.65 -4.27
CA LEU A 441 1.11 -22.02 -4.73
C LEU A 441 2.32 -22.31 -3.91
N CYS A 442 2.12 -22.67 -2.66
CA CYS A 442 3.22 -23.01 -1.79
C CYS A 442 3.19 -24.49 -1.51
N GLN A 443 3.95 -25.23 -2.28
CA GLN A 443 3.95 -26.68 -2.21
C GLN A 443 5.34 -27.21 -2.20
N GLU A 444 6.32 -26.34 -2.01
CA GLU A 444 7.72 -26.73 -1.91
C GLU A 444 8.41 -25.89 -0.88
N ARG A 445 9.47 -26.44 -0.33
CA ARG A 445 10.31 -25.70 0.57
C ARG A 445 11.20 -24.81 -0.26
N LYS A 446 11.01 -23.50 -0.10
CA LYS A 446 11.80 -22.48 -0.81
C LYS A 446 13.28 -22.54 -0.41
N ALA A 447 14.18 -22.17 -1.33
CA ALA A 447 15.60 -22.01 -1.06
C ALA A 447 15.79 -20.51 -0.77
N TYR A 448 15.21 -19.65 -1.65
CA TYR A 448 15.28 -18.20 -1.55
C TYR A 448 13.93 -17.57 -1.89
N PHE A 449 13.78 -16.27 -1.63
CA PHE A 449 12.56 -15.57 -2.03
C PHE A 449 12.79 -14.15 -2.40
N ILE A 450 11.89 -13.63 -3.23
CA ILE A 450 11.83 -12.21 -3.50
C ILE A 450 10.44 -11.78 -3.03
N GLY A 451 10.40 -10.99 -1.98
CA GLY A 451 9.16 -10.48 -1.40
C GLY A 451 8.75 -9.16 -2.03
N VAL A 452 7.49 -9.05 -2.46
CA VAL A 452 6.94 -7.84 -3.08
C VAL A 452 5.91 -7.29 -2.12
N LEU A 453 6.17 -6.10 -1.57
CA LEU A 453 5.29 -5.47 -0.61
C LEU A 453 4.48 -4.36 -1.26
N ASP A 454 3.16 -4.48 -1.11
CA ASP A 454 2.18 -3.51 -1.61
C ASP A 454 1.18 -3.27 -0.48
N ILE A 455 1.51 -2.41 0.48
CA ILE A 455 0.58 -2.15 1.58
C ILE A 455 -0.11 -0.81 1.33
N SER A 456 -1.24 -0.60 2.01
CA SER A 456 -2.02 0.63 1.88
C SER A 456 -1.17 1.88 2.12
N GLY A 457 -1.33 2.85 1.26
CA GLY A 457 -0.55 4.07 1.32
C GLY A 457 -0.95 5.00 2.44
N PHE A 458 -0.04 5.88 2.82
CA PHE A 458 -0.25 6.86 3.88
C PHE A 458 -1.49 7.70 3.57
N ARG A 459 -2.35 7.91 4.56
CA ARG A 459 -3.57 8.64 4.28
C ARG A 459 -3.93 9.72 5.28
N ILE A 460 -4.40 10.85 4.75
CA ILE A 460 -4.92 11.96 5.55
C ILE A 460 -6.29 12.24 4.99
N PHE A 461 -7.32 11.58 5.52
CA PHE A 461 -8.69 11.78 5.04
C PHE A 461 -9.37 12.84 5.89
N LYS A 462 -10.58 13.25 5.51
CA LYS A 462 -11.36 14.23 6.26
C LYS A 462 -11.65 13.63 7.64
N VAL A 463 -11.91 12.32 7.70
CA VAL A 463 -12.18 11.59 8.95
C VAL A 463 -11.15 10.48 9.01
N ASN A 464 -10.31 10.48 10.05
CA ASN A 464 -9.30 9.43 10.24
C ASN A 464 -9.63 8.71 11.54
N SER A 465 -9.88 7.40 11.44
CA SER A 465 -10.25 6.59 12.58
C SER A 465 -9.19 5.49 12.82
N PHE A 466 -9.53 4.43 13.58
CA PHE A 466 -8.65 3.34 13.94
C PHE A 466 -8.01 2.65 12.72
N GLU A 467 -8.77 2.45 11.65
CA GLU A 467 -8.27 1.81 10.43
C GLU A 467 -7.15 2.65 9.79
N GLN A 468 -7.30 3.99 9.81
CA GLN A 468 -6.30 4.94 9.27
C GLN A 468 -5.07 4.98 10.15
N LEU A 469 -5.24 4.84 11.48
CA LEU A 469 -4.09 4.78 12.39
C LEU A 469 -3.24 3.54 12.11
N CYS A 470 -3.86 2.36 11.93
CA CYS A 470 -3.15 1.10 11.62
C CYS A 470 -2.36 1.23 10.30
N ILE A 471 -2.95 1.84 9.28
CA ILE A 471 -2.29 2.07 7.98
C ILE A 471 -1.10 3.03 8.13
N ASN A 472 -1.32 4.18 8.78
CA ASN A 472 -0.30 5.22 8.93
C ASN A 472 0.85 4.77 9.82
N TYR A 473 0.53 3.92 10.81
CA TYR A 473 1.50 3.27 11.69
C TYR A 473 2.39 2.32 10.85
N THR A 474 1.79 1.51 9.96
CA THR A 474 2.49 0.58 9.07
C THR A 474 3.46 1.35 8.17
N ASN A 475 3.00 2.47 7.58
CA ASN A 475 3.80 3.31 6.69
C ASN A 475 4.93 3.96 7.47
N GLU A 476 4.68 4.34 8.74
CA GLU A 476 5.69 4.91 9.62
C GLU A 476 6.80 3.87 9.88
N LYS A 477 6.44 2.59 10.08
CA LYS A 477 7.41 1.50 10.23
C LYS A 477 8.23 1.30 8.95
N LEU A 478 7.58 1.40 7.79
CA LEU A 478 8.24 1.25 6.50
C LEU A 478 9.23 2.37 6.20
N GLN A 479 8.86 3.61 6.56
CA GLN A 479 9.71 4.80 6.40
C GLN A 479 10.97 4.64 7.26
N GLN A 480 10.81 4.18 8.52
CA GLN A 480 11.94 3.94 9.41
C GLN A 480 12.85 2.86 8.80
N PHE A 481 12.28 1.80 8.20
CA PHE A 481 13.02 0.71 7.56
C PHE A 481 13.86 1.31 6.39
N PHE A 482 13.23 2.18 5.59
CA PHE A 482 13.87 2.89 4.48
C PHE A 482 15.04 3.73 5.03
N ASN A 483 14.78 4.51 6.13
CA ASN A 483 15.76 5.36 6.81
C ASN A 483 16.96 4.58 7.29
N HIS A 484 16.70 3.44 7.94
N HIS A 484 16.70 3.44 7.96
CA HIS A 484 17.72 2.54 8.49
CA HIS A 484 17.71 2.56 8.51
C HIS A 484 18.61 1.96 7.40
C HIS A 484 18.58 1.91 7.44
N HIS A 485 18.02 1.55 6.27
CA HIS A 485 18.77 0.91 5.18
C HIS A 485 19.51 1.90 4.30
N MET A 486 18.90 3.06 4.04
CA MET A 486 19.50 4.11 3.22
C MET A 486 20.56 4.95 3.96
N PHE A 487 20.35 5.20 5.23
CA PHE A 487 21.16 6.18 5.93
C PHE A 487 21.93 5.67 7.12
N LYS A 488 21.23 5.10 8.08
CA LYS A 488 21.84 4.68 9.30
C LYS A 488 22.87 3.60 9.10
N LEU A 489 22.47 2.50 8.48
CA LEU A 489 23.32 1.37 8.25
C LEU A 489 24.46 1.70 7.33
N GLU A 490 24.23 2.65 6.46
CA GLU A 490 25.23 3.02 5.48
C GLU A 490 26.32 3.79 6.16
N GLN A 491 25.97 4.68 7.05
CA GLN A 491 26.94 5.44 7.77
C GLN A 491 27.65 4.58 8.83
N GLU A 492 26.95 3.62 9.39
CA GLU A 492 27.54 2.69 10.35
C GLU A 492 28.67 1.83 9.75
N GLU A 493 28.57 1.51 8.44
CA GLU A 493 29.57 0.76 7.68
C GLU A 493 30.81 1.65 7.50
N TYR A 494 30.61 2.94 7.14
CA TYR A 494 31.69 3.92 6.96
C TYR A 494 32.49 4.14 8.25
N LEU A 495 31.78 4.26 9.41
CA LEU A 495 32.39 4.52 10.72
C LEU A 495 33.09 3.29 11.32
N LYS A 496 32.62 2.06 10.98
CA LYS A 496 33.22 0.81 11.44
C LYS A 496 34.48 0.48 10.63
N GLU A 497 34.44 0.73 9.30
CA GLU A 497 35.55 0.51 8.37
C GLU A 497 36.63 1.61 8.48
N LYS A 498 36.37 2.67 9.29
CA LYS A 498 37.23 3.83 9.55
C LYS A 498 37.80 4.45 8.25
N ILE A 499 36.90 5.07 7.47
CA ILE A 499 37.26 5.72 6.20
C ILE A 499 37.22 7.26 6.36
N ASN A 500 37.29 7.73 7.63
CA ASN A 500 37.25 9.14 8.04
C ASN A 500 36.01 9.81 7.47
N TRP A 501 34.86 9.33 7.94
CA TRP A 501 33.54 9.80 7.52
C TRP A 501 32.96 10.76 8.52
N THR A 502 32.44 11.89 8.02
CA THR A 502 31.76 12.88 8.87
C THR A 502 30.27 12.56 8.78
N PHE A 503 29.67 12.17 9.91
CA PHE A 503 28.24 11.84 10.01
C PHE A 503 27.36 12.98 9.47
N ILE A 504 26.36 12.63 8.65
CA ILE A 504 25.39 13.57 8.09
C ILE A 504 24.06 13.31 8.78
N ASP A 505 23.48 14.38 9.35
CA ASP A 505 22.16 14.30 9.95
C ASP A 505 21.19 14.52 8.81
N PHE A 506 20.53 13.45 8.35
CA PHE A 506 19.60 13.53 7.23
C PHE A 506 18.18 14.04 7.64
N GLY A 507 18.02 14.34 8.94
CA GLY A 507 16.81 14.90 9.52
C GLY A 507 15.57 14.04 9.54
N LEU A 508 15.69 12.75 9.15
CA LEU A 508 14.58 11.81 9.11
C LEU A 508 14.70 10.83 10.30
N ASP A 509 13.70 10.87 11.22
CA ASP A 509 13.65 10.04 12.43
C ASP A 509 12.20 9.76 12.86
N SER A 510 11.75 8.51 12.58
CA SER A 510 10.40 7.99 12.81
C SER A 510 10.19 7.28 14.17
N GLN A 511 11.23 7.12 14.98
CA GLN A 511 11.19 6.39 16.25
C GLN A 511 10.23 6.97 17.29
N ALA A 512 10.24 8.32 17.49
CA ALA A 512 9.36 8.97 18.46
C ALA A 512 7.88 8.72 18.12
N THR A 513 7.51 8.85 16.82
CA THR A 513 6.14 8.61 16.34
C THR A 513 5.76 7.13 16.51
N ILE A 514 6.70 6.20 16.18
CA ILE A 514 6.47 4.76 16.34
C ILE A 514 6.21 4.42 17.82
N ASP A 515 7.06 4.91 18.72
CA ASP A 515 6.91 4.68 20.16
C ASP A 515 5.61 5.24 20.71
N LEU A 516 5.20 6.44 20.24
CA LEU A 516 3.94 7.08 20.66
C LEU A 516 2.77 6.15 20.37
N ILE A 517 2.84 5.44 19.23
CA ILE A 517 1.81 4.51 18.82
C ILE A 517 1.93 3.15 19.50
N ASP A 518 3.03 2.43 19.27
CA ASP A 518 3.12 1.04 19.75
C ASP A 518 4.01 0.79 21.01
N GLY A 519 4.51 1.83 21.68
CA GLY A 519 5.37 1.64 22.84
C GLY A 519 4.72 0.98 24.04
N ARG A 520 5.54 0.35 24.90
CA ARG A 520 5.09 -0.33 26.11
C ARG A 520 5.54 0.43 27.35
N GLN A 521 6.75 0.96 27.34
CA GLN A 521 7.23 1.73 28.50
C GLN A 521 7.89 3.05 28.04
N PRO A 522 7.21 4.20 28.20
CA PRO A 522 5.85 4.39 28.76
C PRO A 522 4.77 3.87 27.79
N PRO A 523 3.57 3.47 28.26
CA PRO A 523 2.55 2.94 27.32
C PRO A 523 2.10 3.90 26.23
N GLY A 524 2.08 3.40 25.00
CA GLY A 524 1.70 4.10 23.78
C GLY A 524 0.19 4.09 23.57
N ILE A 525 -0.26 4.65 22.43
CA ILE A 525 -1.68 4.73 22.11
C ILE A 525 -2.36 3.34 22.14
N LEU A 526 -1.73 2.35 21.48
CA LEU A 526 -2.27 1.00 21.36
C LEU A 526 -2.35 0.31 22.68
N ALA A 527 -1.32 0.48 23.54
CA ALA A 527 -1.28 -0.11 24.90
C ALA A 527 -2.40 0.49 25.75
N LEU A 528 -2.63 1.82 25.65
CA LEU A 528 -3.70 2.49 26.41
C LEU A 528 -5.07 2.08 25.92
N LEU A 529 -5.23 1.91 24.59
CA LEU A 529 -6.46 1.44 23.97
C LEU A 529 -6.76 0.00 24.45
N ASP A 530 -5.76 -0.90 24.43
CA ASP A 530 -5.95 -2.28 24.90
C ASP A 530 -6.39 -2.30 26.38
N GLU A 531 -5.76 -1.48 27.22
CA GLU A 531 -6.06 -1.35 28.68
C GLU A 531 -7.52 -0.92 28.87
N GLN A 532 -7.95 0.09 28.08
CA GLN A 532 -9.32 0.61 28.12
C GLN A 532 -10.31 -0.43 27.59
N SER A 533 -9.91 -1.21 26.57
CA SER A 533 -10.75 -2.25 25.97
C SER A 533 -11.12 -3.40 26.93
N VAL A 534 -10.36 -3.59 28.04
CA VAL A 534 -10.64 -4.64 29.04
C VAL A 534 -11.22 -4.02 30.32
N PHE A 535 -11.27 -2.67 30.38
CA PHE A 535 -11.82 -1.95 31.52
C PHE A 535 -13.34 -1.90 31.33
N PRO A 536 -14.13 -2.57 32.22
CA PRO A 536 -15.58 -2.65 32.03
C PRO A 536 -16.35 -1.34 31.87
N ASN A 537 -15.93 -0.27 32.55
CA ASN A 537 -16.62 1.02 32.51
C ASN A 537 -16.03 2.03 31.48
N ALA A 538 -15.16 1.56 30.56
CA ALA A 538 -14.58 2.41 29.53
C ALA A 538 -15.65 2.93 28.53
N THR A 539 -15.46 4.19 28.06
CA THR A 539 -16.31 4.84 27.05
C THR A 539 -15.37 5.57 26.10
N ASP A 540 -15.90 6.20 25.04
CA ASP A 540 -15.14 7.03 24.11
C ASP A 540 -14.54 8.17 24.91
N ASN A 541 -15.31 8.74 25.86
CA ASN A 541 -14.86 9.82 26.73
C ASN A 541 -13.66 9.45 27.63
N THR A 542 -13.71 8.28 28.35
CA THR A 542 -12.60 7.83 29.21
C THR A 542 -11.36 7.55 28.36
N LEU A 543 -11.56 6.98 27.17
CA LEU A 543 -10.44 6.68 26.26
C LEU A 543 -9.67 7.96 25.84
N ILE A 544 -10.39 9.00 25.36
CA ILE A 544 -9.71 10.23 24.90
C ILE A 544 -9.05 10.96 26.11
N THR A 545 -9.69 10.93 27.25
CA THR A 545 -9.17 11.55 28.47
C THR A 545 -7.86 10.87 28.87
N LYS A 546 -7.82 9.52 28.84
CA LYS A 546 -6.65 8.68 29.13
C LYS A 546 -5.51 9.07 28.16
N LEU A 547 -5.81 9.18 26.83
CA LEU A 547 -4.79 9.57 25.85
C LEU A 547 -4.25 10.95 26.11
N HIS A 548 -5.14 11.93 26.43
CA HIS A 548 -4.72 13.30 26.71
C HIS A 548 -3.88 13.35 27.99
N SER A 549 -4.29 12.62 29.00
CA SER A 549 -3.57 12.59 30.28
C SER A 549 -2.11 12.08 30.13
N HIS A 550 -1.90 11.06 29.27
CA HIS A 550 -0.58 10.48 28.99
C HIS A 550 0.29 11.25 28.05
N PHE A 551 -0.27 11.95 27.01
CA PHE A 551 0.60 12.56 26.01
C PHE A 551 0.44 14.05 25.81
N SER A 552 -0.67 14.64 26.28
CA SER A 552 -0.86 16.08 26.06
C SER A 552 0.21 16.91 26.80
N LYS A 553 0.93 17.78 26.05
CA LYS A 553 2.00 18.68 26.54
C LYS A 553 3.23 17.90 27.08
N LYS A 554 3.30 16.60 26.80
CA LYS A 554 4.35 15.66 27.23
C LYS A 554 5.04 15.07 26.02
N ASN A 555 4.29 14.84 24.94
CA ASN A 555 4.86 14.25 23.75
C ASN A 555 4.81 15.18 22.56
N ALA A 556 6.00 15.59 22.05
CA ALA A 556 6.20 16.50 20.92
C ALA A 556 5.53 16.05 19.61
N LYS A 557 5.26 14.75 19.46
CA LYS A 557 4.58 14.17 18.30
C LYS A 557 3.04 14.12 18.50
N TYR A 558 2.54 14.44 19.70
CA TYR A 558 1.11 14.36 20.03
C TYR A 558 0.51 15.74 20.21
N GLU A 559 -0.76 15.91 19.79
CA GLU A 559 -1.49 17.16 20.00
C GLU A 559 -2.90 16.92 20.47
N GLU A 560 -3.27 17.57 21.57
CA GLU A 560 -4.62 17.60 22.09
C GLU A 560 -5.21 18.86 21.39
N PRO A 561 -6.15 18.67 20.44
CA PRO A 561 -6.70 19.84 19.72
C PRO A 561 -7.63 20.70 20.56
N ARG A 562 -7.67 21.99 20.28
CA ARG A 562 -8.53 22.95 20.99
C ARG A 562 -9.95 22.97 20.41
N PHE A 563 -10.11 22.47 19.16
CA PHE A 563 -11.35 22.55 18.39
C PHE A 563 -12.27 21.33 18.56
N SER A 564 -11.77 20.26 19.21
CA SER A 564 -12.54 19.04 19.39
C SER A 564 -12.20 18.39 20.75
N LYS A 565 -13.18 17.66 21.33
CA LYS A 565 -13.03 16.89 22.57
C LYS A 565 -12.93 15.38 22.31
N THR A 566 -12.95 14.95 21.03
CA THR A 566 -12.91 13.51 20.69
C THR A 566 -11.83 13.17 19.68
N GLU A 567 -10.85 14.06 19.52
CA GLU A 567 -9.76 13.79 18.57
C GLU A 567 -8.41 14.04 19.18
N PHE A 568 -7.38 13.48 18.57
CA PHE A 568 -5.98 13.71 18.93
C PHE A 568 -5.14 13.74 17.65
N GLY A 569 -4.07 14.51 17.64
CA GLY A 569 -3.18 14.58 16.49
C GLY A 569 -1.89 13.82 16.68
N VAL A 570 -1.38 13.20 15.61
CA VAL A 570 -0.09 12.49 15.59
C VAL A 570 0.71 13.15 14.44
N THR A 571 1.95 13.54 14.71
CA THR A 571 2.81 14.09 13.66
C THR A 571 3.58 12.89 13.05
N HIS A 572 3.16 12.51 11.85
CA HIS A 572 3.77 11.41 11.12
C HIS A 572 4.83 11.98 10.16
N TYR A 573 5.70 11.12 9.59
CA TYR A 573 6.73 11.54 8.62
C TYR A 573 6.09 12.30 7.46
N ALA A 574 4.82 11.95 7.11
CA ALA A 574 4.08 12.53 5.99
C ALA A 574 3.08 13.65 6.41
N GLY A 575 3.22 14.13 7.65
CA GLY A 575 2.45 15.25 8.19
C GLY A 575 1.58 14.89 9.36
N GLN A 576 0.89 15.88 9.91
CA GLN A 576 -0.06 15.66 11.02
C GLN A 576 -1.36 15.09 10.54
N VAL A 577 -1.86 14.12 11.31
CA VAL A 577 -3.15 13.44 11.12
C VAL A 577 -3.93 13.59 12.42
N MET A 578 -5.16 14.08 12.32
CA MET A 578 -6.09 14.18 13.44
C MET A 578 -6.97 12.95 13.42
N TYR A 579 -6.95 12.17 14.50
CA TYR A 579 -7.76 10.95 14.57
C TYR A 579 -8.92 11.14 15.46
N GLU A 580 -10.09 10.62 15.07
CA GLU A 580 -11.27 10.65 15.96
C GLU A 580 -11.34 9.28 16.66
N ILE A 581 -11.74 9.21 17.95
CA ILE A 581 -11.71 7.92 18.67
C ILE A 581 -13.09 7.23 18.75
N GLN A 582 -14.15 7.85 18.18
CA GLN A 582 -15.50 7.29 18.21
C GLN A 582 -15.47 5.79 17.84
N ASP A 583 -16.06 4.93 18.70
CA ASP A 583 -16.17 3.47 18.49
C ASP A 583 -14.84 2.66 18.49
N TRP A 584 -13.70 3.25 18.92
CA TRP A 584 -12.41 2.51 18.94
C TRP A 584 -12.45 1.29 19.88
N LEU A 585 -13.17 1.41 20.99
CA LEU A 585 -13.31 0.30 21.94
C LEU A 585 -13.99 -0.89 21.27
N GLU A 586 -15.08 -0.64 20.54
CA GLU A 586 -15.83 -1.66 19.83
C GLU A 586 -15.01 -2.23 18.66
N LYS A 587 -14.27 -1.37 17.95
CA LYS A 587 -13.40 -1.80 16.82
C LYS A 587 -12.25 -2.67 17.32
N ASN A 588 -11.70 -2.32 18.50
CA ASN A 588 -10.60 -3.06 19.09
C ASN A 588 -11.06 -4.42 19.65
N LYS A 589 -12.32 -4.52 20.09
CA LYS A 589 -12.85 -5.78 20.59
C LYS A 589 -13.33 -6.63 19.43
N ASP A 590 -13.87 -5.98 18.36
CA ASP A 590 -14.45 -6.61 17.16
C ASP A 590 -15.43 -7.74 17.62
N PRO A 591 -16.51 -7.43 18.41
CA PRO A 591 -17.32 -8.54 18.95
C PRO A 591 -18.29 -9.18 17.97
N LEU A 592 -18.57 -10.46 18.20
CA LEU A 592 -19.55 -11.25 17.46
C LEU A 592 -20.27 -12.14 18.45
N GLN A 593 -21.62 -12.03 18.53
CA GLN A 593 -22.44 -12.83 19.47
C GLN A 593 -22.18 -14.31 19.25
N GLN A 594 -21.82 -15.02 20.32
CA GLN A 594 -21.53 -16.44 20.25
C GLN A 594 -22.67 -17.26 19.65
N ASP A 595 -23.94 -16.84 19.88
CA ASP A 595 -25.09 -17.52 19.27
C ASP A 595 -25.05 -17.44 17.72
N LEU A 596 -24.44 -16.39 17.16
CA LEU A 596 -24.32 -16.31 15.72
C LEU A 596 -23.28 -17.33 15.25
N GLU A 597 -22.16 -17.46 15.99
CA GLU A 597 -21.11 -18.44 15.69
C GLU A 597 -21.70 -19.87 15.73
N LEU A 598 -22.49 -20.19 16.76
CA LEU A 598 -23.16 -21.50 16.94
C LEU A 598 -24.07 -21.78 15.74
N CYS A 599 -24.85 -20.77 15.32
CA CYS A 599 -25.76 -20.86 14.19
C CYS A 599 -25.04 -21.27 12.90
N PHE A 600 -23.92 -20.60 12.58
CA PHE A 600 -23.20 -20.83 11.33
C PHE A 600 -22.30 -22.06 11.36
N LYS A 601 -21.86 -22.49 12.54
CA LYS A 601 -21.07 -23.71 12.76
C LYS A 601 -21.89 -24.93 12.28
N ASP A 602 -23.22 -24.75 12.27
CA ASP A 602 -24.22 -25.75 11.93
C ASP A 602 -24.73 -25.67 10.48
N SER A 603 -24.02 -24.89 9.64
CA SER A 603 -24.33 -24.74 8.21
C SER A 603 -24.25 -26.09 7.47
N SER A 604 -25.03 -26.22 6.40
CA SER A 604 -24.97 -27.40 5.52
C SER A 604 -23.92 -27.14 4.42
N ASP A 605 -23.37 -25.91 4.35
CA ASP A 605 -22.34 -25.56 3.35
C ASP A 605 -20.93 -25.85 3.88
N ASN A 606 -20.12 -26.52 3.05
CA ASN A 606 -18.75 -26.93 3.39
C ASN A 606 -17.79 -25.72 3.60
N VAL A 607 -17.94 -24.64 2.80
CA VAL A 607 -17.07 -23.48 2.96
C VAL A 607 -17.46 -22.66 4.21
N VAL A 608 -18.78 -22.39 4.40
CA VAL A 608 -19.33 -21.63 5.54
C VAL A 608 -18.85 -22.30 6.85
N THR A 609 -18.90 -23.63 6.89
CA THR A 609 -18.47 -24.49 7.99
C THR A 609 -17.00 -24.22 8.33
N LYS A 610 -16.12 -24.16 7.30
CA LYS A 610 -14.70 -23.86 7.49
C LYS A 610 -14.45 -22.49 8.14
N LEU A 611 -15.26 -21.48 7.77
CA LEU A 611 -15.15 -20.11 8.30
C LEU A 611 -15.50 -20.04 9.77
N PHE A 612 -16.32 -20.99 10.27
CA PHE A 612 -16.73 -21.00 11.68
C PHE A 612 -16.09 -22.14 12.49
N ASN A 613 -15.45 -23.15 11.85
CA ASN A 613 -14.83 -24.28 12.57
C ASN A 613 -13.29 -24.34 12.50
N ASP A 614 -12.66 -23.83 11.39
CA ASP A 614 -11.19 -23.82 11.26
C ASP A 614 -10.64 -22.81 12.29
N PRO A 615 -9.89 -23.29 13.33
CA PRO A 615 -9.39 -22.36 14.37
C PRO A 615 -8.49 -21.26 13.83
N ASN A 616 -7.71 -21.55 12.77
CA ASN A 616 -6.83 -20.55 12.18
C ASN A 616 -7.58 -19.40 11.44
N ILE A 617 -8.88 -19.60 11.12
CA ILE A 617 -9.74 -18.58 10.49
C ILE A 617 -10.76 -18.01 11.50
N ALA A 618 -11.52 -18.89 12.18
CA ALA A 618 -12.58 -18.52 13.12
C ALA A 618 -12.09 -17.98 14.47
N SER A 619 -11.19 -18.73 15.17
CA SER A 619 -10.66 -18.41 16.51
C SER A 619 -9.90 -17.07 16.64
N ARG A 620 -9.98 -16.50 17.84
CA ARG A 620 -9.28 -15.29 18.27
C ARG A 620 -8.30 -15.78 19.34
N ALA A 621 -7.00 -15.43 19.20
CA ALA A 621 -5.95 -15.87 20.13
C ALA A 621 -6.29 -15.67 21.60
N LYS A 622 -5.96 -16.68 22.41
CA LYS A 622 -6.19 -16.69 23.86
C LYS A 622 -5.21 -15.72 24.53
N LYS A 623 -5.76 -14.72 25.26
CA LYS A 623 -4.95 -13.72 25.97
C LYS A 623 -5.41 -13.54 27.43
N GLY A 624 -5.56 -14.67 28.13
CA GLY A 624 -6.00 -14.73 29.52
C GLY A 624 -7.48 -14.54 29.69
N ALA A 625 -7.86 -13.57 30.56
CA ALA A 625 -9.24 -13.20 30.91
C ALA A 625 -10.14 -12.89 29.71
N ASN A 626 -9.57 -12.24 28.67
CA ASN A 626 -10.27 -11.89 27.44
C ASN A 626 -9.40 -12.19 26.20
N PHE A 627 -10.03 -12.22 25.00
CA PHE A 627 -9.36 -12.48 23.72
C PHE A 627 -8.32 -11.40 23.39
N ILE A 628 -7.43 -11.69 22.43
CA ILE A 628 -6.45 -10.72 21.96
C ILE A 628 -7.21 -9.59 21.24
N THR A 629 -6.79 -8.36 21.43
CA THR A 629 -7.41 -7.21 20.76
C THR A 629 -6.90 -7.14 19.32
N VAL A 630 -7.65 -6.41 18.49
CA VAL A 630 -7.33 -6.19 17.08
C VAL A 630 -5.99 -5.43 17.00
N ALA A 631 -5.79 -4.42 17.89
CA ALA A 631 -4.51 -3.67 17.93
C ALA A 631 -3.33 -4.60 18.29
N ALA A 632 -3.48 -5.47 19.31
CA ALA A 632 -2.40 -6.38 19.72
C ALA A 632 -2.11 -7.40 18.59
N GLN A 633 -3.16 -7.88 17.96
CA GLN A 633 -3.03 -8.83 16.85
C GLN A 633 -2.31 -8.17 15.67
N TYR A 634 -2.69 -6.93 15.33
CA TYR A 634 -2.07 -6.26 14.21
C TYR A 634 -0.59 -5.89 14.44
N LYS A 635 -0.24 -5.40 15.68
CA LYS A 635 1.13 -5.07 16.05
C LYS A 635 2.05 -6.29 15.83
N GLU A 636 1.57 -7.47 16.22
CA GLU A 636 2.25 -8.74 16.13
C GLU A 636 2.48 -9.14 14.67
N GLN A 637 1.41 -9.08 13.84
CA GLN A 637 1.43 -9.39 12.43
C GLN A 637 2.42 -8.42 11.69
N LEU A 638 2.45 -7.15 12.09
CA LEU A 638 3.37 -6.17 11.52
C LEU A 638 4.82 -6.44 11.96
N ALA A 639 5.06 -6.76 13.27
CA ALA A 639 6.41 -7.09 13.77
C ALA A 639 6.99 -8.28 12.94
N SER A 640 6.17 -9.31 12.73
CA SER A 640 6.50 -10.49 11.93
C SER A 640 6.90 -10.10 10.47
N LEU A 641 6.16 -9.15 9.86
CA LEU A 641 6.46 -8.63 8.51
C LEU A 641 7.83 -7.94 8.53
N MET A 642 8.06 -7.06 9.52
CA MET A 642 9.32 -6.33 9.65
C MET A 642 10.50 -7.26 9.86
N ALA A 643 10.33 -8.35 10.66
CA ALA A 643 11.40 -9.32 10.87
C ALA A 643 11.75 -10.04 9.56
N THR A 644 10.75 -10.36 8.72
CA THR A 644 10.95 -11.03 7.42
C THR A 644 11.72 -10.07 6.51
N LEU A 645 11.29 -8.78 6.48
CA LEU A 645 11.94 -7.73 5.68
C LEU A 645 13.40 -7.52 6.08
N GLU A 646 13.73 -7.64 7.40
CA GLU A 646 15.09 -7.48 7.91
C GLU A 646 16.04 -8.62 7.49
N THR A 647 15.51 -9.77 7.05
CA THR A 647 16.32 -10.88 6.54
C THR A 647 16.52 -10.72 5.01
N THR A 648 16.12 -9.59 4.43
CA THR A 648 16.23 -9.41 2.97
C THR A 648 17.12 -8.27 2.59
N ASN A 649 17.52 -8.24 1.31
CA ASN A 649 18.23 -7.10 0.74
C ASN A 649 17.11 -6.29 0.10
N PRO A 650 16.80 -5.07 0.59
CA PRO A 650 15.63 -4.34 0.04
C PRO A 650 15.90 -3.43 -1.16
N HIS A 651 14.84 -3.21 -1.96
CA HIS A 651 14.81 -2.32 -3.15
C HIS A 651 13.50 -1.50 -3.02
N PHE A 652 13.58 -0.19 -3.21
CA PHE A 652 12.43 0.70 -3.02
C PHE A 652 11.92 1.29 -4.32
N VAL A 653 10.59 1.23 -4.49
CA VAL A 653 9.90 1.81 -5.64
C VAL A 653 8.93 2.85 -5.04
N ARG A 654 9.19 4.12 -5.34
CA ARG A 654 8.37 5.23 -4.84
C ARG A 654 7.41 5.63 -5.93
N CYS A 655 6.14 5.27 -5.73
CA CYS A 655 5.09 5.62 -6.68
C CYS A 655 4.58 6.99 -6.29
N ILE A 656 4.50 7.88 -7.29
CA ILE A 656 4.12 9.28 -7.16
C ILE A 656 2.85 9.52 -7.96
N ILE A 657 1.82 10.04 -7.30
CA ILE A 657 0.60 10.37 -8.02
C ILE A 657 0.84 11.80 -8.63
N PRO A 658 0.53 12.03 -9.93
CA PRO A 658 0.83 13.35 -10.53
C PRO A 658 -0.12 14.49 -10.13
N ASN A 659 -1.34 14.13 -9.70
CA ASN A 659 -2.41 15.07 -9.33
C ASN A 659 -3.46 14.31 -8.50
N ASN A 660 -4.54 15.01 -8.10
CA ASN A 660 -5.61 14.41 -7.33
C ASN A 660 -6.90 14.26 -8.16
N LYS A 661 -6.78 14.31 -9.48
CA LYS A 661 -7.95 14.27 -10.37
C LYS A 661 -7.96 13.03 -11.26
N GLN A 662 -7.02 12.10 -11.07
CA GLN A 662 -6.87 10.86 -11.88
C GLN A 662 -6.76 11.16 -13.36
N LEU A 663 -6.07 12.25 -13.71
CA LEU A 663 -5.89 12.68 -15.09
C LEU A 663 -4.47 12.44 -15.63
N PRO A 664 -4.35 12.03 -16.91
CA PRO A 664 -3.00 11.93 -17.51
C PRO A 664 -2.51 13.33 -17.91
N ALA A 665 -1.19 13.46 -18.27
CA ALA A 665 -0.55 14.70 -18.76
C ALA A 665 -0.83 15.96 -17.90
N LYS A 666 -0.88 15.82 -16.59
CA LYS A 666 -1.19 16.91 -15.71
C LYS A 666 -0.41 16.74 -14.43
N LEU A 667 0.91 16.89 -14.55
CA LEU A 667 1.87 16.79 -13.45
C LEU A 667 1.77 18.09 -12.64
N GLU A 668 1.31 18.00 -11.39
CA GLU A 668 1.11 19.20 -10.57
C GLU A 668 2.22 19.40 -9.55
N ASP A 669 2.83 20.58 -9.59
CA ASP A 669 3.94 21.08 -8.78
C ASP A 669 3.78 20.76 -7.26
N LYS A 670 2.73 21.35 -6.64
CA LYS A 670 2.43 21.21 -5.22
C LYS A 670 2.23 19.75 -4.81
N VAL A 671 1.47 18.98 -5.62
CA VAL A 671 1.15 17.57 -5.38
C VAL A 671 2.42 16.69 -5.42
N VAL A 672 3.22 16.83 -6.49
CA VAL A 672 4.43 16.03 -6.67
C VAL A 672 5.51 16.40 -5.64
N LEU A 673 5.78 17.72 -5.48
CA LEU A 673 6.81 18.18 -4.53
C LEU A 673 6.52 17.73 -3.06
N ASP A 674 5.24 17.69 -2.65
N ASP A 674 5.23 17.70 -2.63
CA ASP A 674 4.81 17.21 -1.32
CA ASP A 674 4.89 17.22 -1.29
C ASP A 674 5.19 15.73 -1.12
C ASP A 674 5.29 15.72 -1.12
N GLN A 675 5.04 14.89 -2.16
CA GLN A 675 5.40 13.45 -2.14
C GLN A 675 6.93 13.26 -2.09
N LEU A 676 7.68 14.04 -2.92
CA LEU A 676 9.16 14.01 -2.95
C LEU A 676 9.76 14.32 -1.56
N ARG A 677 9.19 15.31 -0.85
CA ARG A 677 9.63 15.67 0.51
C ARG A 677 9.40 14.53 1.53
N CYS A 678 8.22 13.87 1.51
CA CYS A 678 7.85 12.72 2.39
C CYS A 678 8.66 11.44 2.15
N ASN A 679 8.94 11.14 0.88
CA ASN A 679 9.60 9.90 0.46
C ASN A 679 11.12 9.89 0.63
N GLY A 680 11.68 11.01 1.07
CA GLY A 680 13.12 11.19 1.27
C GLY A 680 13.94 11.05 0.01
N VAL A 681 13.34 11.45 -1.15
CA VAL A 681 13.97 11.36 -2.47
C VAL A 681 15.29 12.16 -2.53
N LEU A 682 15.28 13.45 -2.09
CA LEU A 682 16.48 14.29 -2.07
C LEU A 682 17.58 13.77 -1.13
N GLU A 683 17.16 13.32 0.08
CA GLU A 683 18.07 12.77 1.08
C GLU A 683 18.71 11.48 0.53
N GLY A 684 17.89 10.65 -0.14
CA GLY A 684 18.31 9.41 -0.77
C GLY A 684 19.33 9.59 -1.85
N ILE A 685 19.22 10.68 -2.65
CA ILE A 685 20.17 11.01 -3.72
C ILE A 685 21.50 11.55 -3.10
N ARG A 686 21.40 12.32 -2.00
CA ARG A 686 22.56 12.88 -1.28
C ARG A 686 23.48 11.80 -0.73
N ILE A 687 22.94 10.74 -0.09
CA ILE A 687 23.77 9.65 0.41
C ILE A 687 24.54 8.96 -0.74
N THR A 688 23.87 8.74 -1.91
CA THR A 688 24.46 8.14 -3.11
C THR A 688 25.62 9.02 -3.63
N ARG A 689 25.40 10.36 -3.68
CA ARG A 689 26.41 11.32 -4.13
C ARG A 689 27.60 11.51 -3.16
N LYS A 690 27.32 11.87 -1.88
CA LYS A 690 28.32 12.13 -0.82
C LYS A 690 29.06 10.89 -0.31
N GLY A 691 28.41 9.73 -0.40
CA GLY A 691 28.94 8.49 0.11
C GLY A 691 29.74 7.65 -0.86
N PHE A 692 29.96 6.40 -0.44
CA PHE A 692 30.74 5.39 -1.14
C PHE A 692 29.80 4.19 -1.34
N PRO A 693 28.94 4.26 -2.39
CA PRO A 693 27.91 3.21 -2.57
C PRO A 693 28.40 1.78 -2.72
N ASN A 694 29.57 1.59 -3.35
CA ASN A 694 30.13 0.25 -3.61
C ASN A 694 31.42 0.00 -2.84
N ARG A 695 31.50 -1.18 -2.22
CA ARG A 695 32.64 -1.64 -1.45
C ARG A 695 33.02 -3.08 -1.82
N ILE A 696 34.27 -3.28 -2.27
CA ILE A 696 34.85 -4.58 -2.67
C ILE A 696 36.17 -4.76 -1.91
N ILE A 697 36.38 -5.95 -1.30
CA ILE A 697 37.63 -6.24 -0.57
C ILE A 697 38.82 -6.45 -1.54
N TYR A 698 40.06 -6.37 -1.03
CA TYR A 698 41.28 -6.59 -1.82
C TYR A 698 41.37 -8.08 -2.20
N ALA A 699 40.86 -8.95 -1.31
CA ALA A 699 40.77 -10.40 -1.46
C ALA A 699 39.34 -10.78 -1.95
N ASP A 700 38.79 -9.96 -2.87
CA ASP A 700 37.47 -10.14 -3.48
C ASP A 700 37.51 -9.92 -5.01
N PHE A 701 38.68 -9.48 -5.52
CA PHE A 701 38.91 -9.27 -6.96
C PHE A 701 39.38 -10.59 -7.60
N ALA A 722 50.66 -1.55 -2.65
CA ALA A 722 50.46 -2.76 -3.46
C ALA A 722 48.99 -3.15 -3.53
N THR A 723 48.28 -3.08 -2.38
CA THR A 723 46.85 -3.37 -2.26
C THR A 723 46.00 -2.37 -3.07
N ASP A 724 46.54 -1.13 -3.26
CA ASP A 724 45.96 -0.06 -4.04
C ASP A 724 46.08 -0.40 -5.54
N ALA A 725 47.30 -0.84 -5.97
CA ALA A 725 47.66 -1.24 -7.33
C ALA A 725 47.26 -0.20 -8.41
N VAL A 726 47.58 1.09 -8.16
CA VAL A 726 47.31 2.23 -9.04
C VAL A 726 48.23 3.40 -8.68
N GLU A 735 40.90 10.02 -3.43
CA GLU A 735 40.13 10.99 -4.22
C GLU A 735 38.64 10.58 -4.37
N GLN A 736 38.35 9.64 -5.29
CA GLN A 736 37.02 9.08 -5.54
C GLN A 736 36.95 7.66 -4.93
N TYR A 737 37.87 7.38 -3.97
CA TYR A 737 38.01 6.12 -3.25
C TYR A 737 38.54 6.33 -1.82
N ARG A 738 38.34 5.33 -0.93
CA ARG A 738 38.82 5.35 0.46
C ARG A 738 39.28 3.97 0.88
N PHE A 739 40.50 3.90 1.43
CA PHE A 739 41.05 2.64 1.94
C PHE A 739 40.50 2.44 3.35
N GLY A 740 39.82 1.32 3.57
CA GLY A 740 39.24 0.95 4.86
C GLY A 740 39.99 -0.15 5.55
N ILE A 741 39.53 -0.54 6.76
CA ILE A 741 40.12 -1.60 7.58
C ILE A 741 40.10 -2.97 6.85
N THR A 742 38.96 -3.34 6.24
CA THR A 742 38.84 -4.63 5.55
C THR A 742 38.31 -4.54 4.08
N LYS A 743 38.12 -3.31 3.52
CA LYS A 743 37.62 -3.13 2.14
C LYS A 743 37.97 -1.78 1.49
N ILE A 744 37.98 -1.73 0.14
CA ILE A 744 38.20 -0.49 -0.63
C ILE A 744 36.84 0.10 -1.05
N PHE A 745 36.59 1.34 -0.64
CA PHE A 745 35.35 2.05 -0.92
C PHE A 745 35.48 2.93 -2.16
N PHE A 746 34.44 2.96 -3.01
CA PHE A 746 34.41 3.76 -4.22
C PHE A 746 33.07 4.47 -4.38
N ARG A 747 33.10 5.63 -5.05
CA ARG A 747 31.93 6.47 -5.35
C ARG A 747 31.29 6.01 -6.66
MG MG B . -3.41 -0.83 -4.92
PB ADP C . -2.41 2.14 -5.88
O1B ADP C . -1.18 2.98 -5.58
O2B ADP C . -2.28 0.70 -5.68
O3B ADP C . -3.60 2.71 -5.13
PA ADP C . -2.95 1.58 -8.69
O1A ADP C . -1.77 0.70 -8.92
O2A ADP C . -4.25 0.75 -8.48
O3A ADP C . -2.67 2.47 -7.41
O5' ADP C . -3.21 2.63 -9.84
C5' ADP C . -4.39 3.45 -9.96
C4' ADP C . -4.76 3.54 -11.43
O4' ADP C . -3.76 4.32 -12.12
C3' ADP C . -4.81 2.20 -12.17
O3' ADP C . -6.07 1.57 -12.01
C2' ADP C . -4.55 2.64 -13.61
O2' ADP C . -5.72 3.18 -14.20
C1' ADP C . -3.51 3.74 -13.40
N9 ADP C . -2.10 3.29 -13.45
C8 ADP C . -1.22 3.20 -12.41
N7 ADP C . 0.01 2.89 -12.77
C5 ADP C . -0.08 2.75 -14.15
C6 ADP C . 0.86 2.41 -15.14
N6 ADP C . 2.16 2.18 -14.88
N1 ADP C . 0.43 2.29 -16.41
C2 ADP C . -0.87 2.52 -16.68
N3 ADP C . -1.84 2.88 -15.84
C4 ADP C . -1.39 2.98 -14.58
P PO4 D . -3.66 2.40 -1.19
O1 PO4 D . -3.57 2.58 -2.62
O2 PO4 D . -2.79 3.64 -0.70
O3 PO4 D . -5.20 2.45 -0.78
O4 PO4 D . -3.03 0.97 -0.87
P PO4 E . -0.43 14.92 -1.87
O1 PO4 E . 0.55 14.63 -3.03
O2 PO4 E . -0.47 16.50 -1.58
O3 PO4 E . -1.88 14.40 -2.29
O4 PO4 E . 0.10 14.16 -0.56
C1 GOL F . 2.72 10.59 0.86
O1 GOL F . 2.16 11.15 -0.31
C2 GOL F . 3.12 9.15 0.66
O2 GOL F . 3.92 9.03 -0.53
C3 GOL F . 3.94 8.81 1.87
O3 GOL F . 4.29 7.44 1.87
C1 GOL G . -9.88 -10.28 9.67
O1 GOL G . -9.94 -9.24 8.69
C2 GOL G . -11.18 -11.05 9.71
O2 GOL G . -10.95 -12.39 10.17
C3 GOL G . -12.18 -10.39 10.61
O3 GOL G . -13.51 -10.75 10.22
C1 GOL H . 16.41 30.16 -4.63
O1 GOL H . 16.73 30.26 -6.02
C2 GOL H . 14.92 30.20 -4.40
O2 GOL H . 14.26 29.31 -5.30
C3 GOL H . 14.61 29.79 -2.98
O3 GOL H . 13.23 29.46 -2.84
C1 GOL I . 21.25 4.04 -21.07
O1 GOL I . 20.55 3.07 -20.32
C2 GOL I . 22.67 4.19 -20.60
O2 GOL I . 23.47 3.14 -21.17
C3 GOL I . 23.23 5.54 -21.02
O3 GOL I . 22.71 6.59 -20.19
C1 GOL J . 2.72 8.65 31.59
O1 GOL J . 4.10 8.95 31.35
C2 GOL J . 2.06 9.73 32.41
O2 GOL J . 2.25 11.00 31.79
C3 GOL J . 0.58 9.46 32.57
O3 GOL J . -0.04 10.45 33.38
C1 GOL K . -10.58 -4.87 -11.09
O1 GOL K . -10.52 -4.30 -12.39
C2 GOL K . -10.16 -6.32 -11.12
O2 GOL K . -8.78 -6.43 -10.78
C3 GOL K . -11.01 -7.15 -10.18
O3 GOL K . -10.71 -8.54 -10.32
C1 GOL L . -21.24 -15.78 25.38
O1 GOL L . -22.45 -15.22 24.88
C2 GOL L . -20.63 -14.96 26.50
O2 GOL L . -21.61 -14.67 27.50
C3 GOL L . -19.48 -15.74 27.11
O3 GOL L . -18.98 -15.08 28.26
#